data_2PUL
#
_entry.id   2PUL
#
_cell.length_a   214.150
_cell.length_b   83.470
_cell.length_c   51.260
_cell.angle_alpha   90.00
_cell.angle_beta   90.00
_cell.angle_gamma   90.00
#
_symmetry.space_group_name_H-M   'P 21 21 2'
#
loop_
_entity.id
_entity.type
_entity.pdbx_description
1 polymer 'Methylthioribose kinase'
2 non-polymer 'MAGNESIUM ION'
3 non-polymer 3-[(3-CHOLAMIDOPROPYL)DIMETHYLAMMONIO]-1-PROPANESULFONATE
4 non-polymer 'PHOSPHOMETHYLPHOSPHONIC ACID ADENYLATE ESTER'
5 water water
#
_entity_poly.entity_id   1
_entity_poly.type   'polypeptide(L)'
_entity_poly.pdbx_seq_one_letter_code
;MGVTKTPLYETLNESSAVALAVKLGLFPSKSTLTCQEIGDGNLNYVFHIYDQEHDRALIIKQAVPYAKVVGESWPLTIDR
ARIESSALIRQGEHVPHLVPRVFYSDTEMAVTVMEDLSHLKIARKGLIEGENYPHLSQHIGEFLGKTLFYSSDYALEPKV
KKQLVKQFTNPELCDITERLVFTDPFFDHDTNDFEEELRPFVEKLWNNDSVKIEAAKLKKSFLTSAETLIHGDLHTGSIF
ASEHETKVIDPEFAFYGPIGFDVGQFIANLFLNALSRDGADREPLYEHVNQVWETFEETFSEAWQKDSLDVYANIDGYLT
DTLSHIFEEAIGFAGCELIRRTIGLAHVADLDTIVPFDKRIGRKRLALETGTAFIEKRSEFKTITDVIELFKLLVKE
;
_entity_poly.pdbx_strand_id   A,B
#
# COMPACT_ATOMS: atom_id res chain seq x y z
N LYS A 5 -35.91 10.61 6.64
CA LYS A 5 -35.28 11.82 7.28
C LYS A 5 -34.74 12.85 6.26
N THR A 6 -34.82 14.11 6.66
CA THR A 6 -34.43 15.24 5.85
C THR A 6 -32.92 15.48 5.97
N PRO A 7 -32.35 16.16 4.98
CA PRO A 7 -30.94 16.53 5.03
C PRO A 7 -30.69 17.42 6.26
N LEU A 8 -29.66 17.09 7.03
CA LEU A 8 -29.36 17.82 8.26
C LEU A 8 -28.34 18.95 8.10
N TYR A 9 -27.54 18.93 7.04
CA TYR A 9 -26.53 19.96 6.86
C TYR A 9 -27.14 21.37 6.77
N GLU A 10 -26.61 22.29 7.56
CA GLU A 10 -26.86 23.71 7.39
C GLU A 10 -25.58 24.50 7.66
N THR A 11 -25.30 25.44 6.76
CA THR A 11 -24.16 26.36 6.88
C THR A 11 -24.29 27.24 8.13
N LEU A 12 -23.33 27.15 9.04
CA LEU A 12 -23.32 28.00 10.24
C LEU A 12 -22.98 29.46 9.93
N ASN A 13 -23.46 30.33 10.80
CA ASN A 13 -22.97 31.70 10.90
C ASN A 13 -22.60 31.91 12.37
N GLU A 14 -22.20 33.13 12.69
CA GLU A 14 -21.68 33.45 14.01
C GLU A 14 -22.71 33.23 15.13
N SER A 15 -23.98 33.51 14.84
CA SER A 15 -25.07 33.28 15.79
C SER A 15 -25.42 31.78 15.94
N SER A 16 -25.53 31.08 14.81
CA SER A 16 -25.71 29.62 14.74
C SER A 16 -24.66 28.84 15.52
N ALA A 17 -23.44 29.33 15.49
CA ALA A 17 -22.29 28.69 16.11
C ALA A 17 -22.37 28.81 17.63
N VAL A 18 -22.68 30.01 18.11
CA VAL A 18 -23.01 30.23 19.52
C VAL A 18 -24.19 29.35 19.98
N ALA A 19 -25.26 29.28 19.18
CA ALA A 19 -26.41 28.43 19.49
C ALA A 19 -26.02 26.95 19.58
N LEU A 20 -25.19 26.51 18.64
CA LEU A 20 -24.70 25.15 18.65
C LEU A 20 -23.87 24.88 19.91
N ALA A 21 -22.90 25.75 20.24
CA ALA A 21 -22.02 25.52 21.40
C ALA A 21 -22.80 25.41 22.70
N VAL A 22 -23.87 26.19 22.79
CA VAL A 22 -24.79 26.16 23.92
C VAL A 22 -25.66 24.89 23.93
N LYS A 23 -26.33 24.59 22.82
CA LYS A 23 -27.14 23.36 22.69
C LYS A 23 -26.33 22.10 23.03
N LEU A 24 -25.02 22.19 22.88
CA LEU A 24 -24.14 21.05 23.13
C LEU A 24 -23.51 21.14 24.54
N GLY A 25 -23.93 22.16 25.30
CA GLY A 25 -23.63 22.28 26.72
C GLY A 25 -22.22 22.66 27.12
N LEU A 26 -21.46 23.21 26.17
CA LEU A 26 -20.05 23.50 26.41
C LEU A 26 -19.86 24.87 27.02
N THR A 32 -22.93 35.03 28.45
CA THR A 32 -22.99 35.93 27.31
C THR A 32 -21.72 35.77 26.48
N LEU A 33 -21.89 35.13 25.32
CA LEU A 33 -20.75 34.72 24.49
C LEU A 33 -20.60 35.65 23.29
N THR A 34 -19.37 35.81 22.80
CA THR A 34 -19.14 36.49 21.51
C THR A 34 -18.40 35.58 20.53
N CYS A 35 -18.74 35.74 19.25
CA CYS A 35 -18.21 34.90 18.20
C CYS A 35 -17.71 35.71 17.00
N GLN A 36 -16.55 35.31 16.49
CA GLN A 36 -15.96 35.90 15.28
C GLN A 36 -15.48 34.78 14.34
N GLU A 37 -15.77 34.93 13.05
CA GLU A 37 -15.24 33.98 12.05
C GLU A 37 -13.83 34.43 11.72
N ILE A 38 -12.87 33.50 11.83
CA ILE A 38 -11.44 33.82 11.73
C ILE A 38 -10.70 32.96 10.71
N GLY A 39 -11.46 32.21 9.89
CA GLY A 39 -10.87 31.30 8.91
C GLY A 39 -9.97 31.94 7.87
N ASP A 40 -8.88 31.22 7.56
CA ASP A 40 -7.81 31.71 6.70
C ASP A 40 -8.07 31.50 5.19
N GLY A 41 -8.87 30.48 4.87
CA GLY A 41 -9.20 30.13 3.48
C GLY A 41 -10.69 30.10 3.24
N ASN A 42 -11.11 29.72 2.03
CA ASN A 42 -12.53 29.77 1.67
C ASN A 42 -13.28 28.43 1.74
N LEU A 43 -12.60 27.36 2.10
CA LEU A 43 -13.21 26.02 2.15
C LEU A 43 -13.81 25.66 3.52
N ASN A 44 -13.42 26.39 4.56
CA ASN A 44 -13.91 26.14 5.91
C ASN A 44 -14.24 27.44 6.64
N TYR A 45 -15.26 27.42 7.49
CA TYR A 45 -15.41 28.47 8.47
C TYR A 45 -14.77 28.01 9.77
N VAL A 46 -14.09 28.92 10.44
CA VAL A 46 -13.51 28.68 11.75
C VAL A 46 -14.11 29.73 12.69
N PHE A 47 -14.97 29.28 13.59
CA PHE A 47 -15.67 30.13 14.52
C PHE A 47 -15.01 30.13 15.89
N HIS A 48 -14.51 31.30 16.28
CA HIS A 48 -13.93 31.51 17.61
C HIS A 48 -15.02 32.02 18.57
N ILE A 49 -15.22 31.30 19.68
CA ILE A 49 -16.22 31.66 20.68
C ILE A 49 -15.54 31.88 22.03
N TYR A 50 -15.75 33.07 22.61
CA TYR A 50 -15.09 33.51 23.84
C TYR A 50 -16.05 33.83 24.99
N ASP A 51 -15.78 33.23 26.16
CA ASP A 51 -16.45 33.50 27.44
C ASP A 51 -17.94 33.12 27.47
N ARG A 56 -12.62 31.17 29.27
CA ARG A 56 -12.85 29.97 28.48
C ARG A 56 -13.25 30.31 27.02
N ALA A 57 -12.67 29.57 26.09
CA ALA A 57 -12.88 29.77 24.65
C ALA A 57 -13.00 28.45 23.88
N LEU A 58 -13.50 28.54 22.66
CA LEU A 58 -13.82 27.36 21.84
C LEU A 58 -13.70 27.66 20.34
N ILE A 59 -13.31 26.65 19.58
CA ILE A 59 -13.31 26.75 18.12
C ILE A 59 -14.34 25.80 17.52
N ILE A 60 -15.19 26.33 16.63
CA ILE A 60 -16.06 25.51 15.82
C ILE A 60 -15.66 25.66 14.37
N LYS A 61 -15.17 24.57 13.79
CA LYS A 61 -14.77 24.55 12.39
C LYS A 61 -15.85 23.81 11.60
N GLN A 62 -16.21 24.38 10.45
CA GLN A 62 -17.19 23.75 9.58
C GLN A 62 -16.78 23.83 8.12
N ALA A 63 -16.88 22.71 7.42
CA ALA A 63 -16.60 22.66 5.99
C ALA A 63 -17.67 23.41 5.19
N VAL A 64 -17.21 24.17 4.18
CA VAL A 64 -18.10 24.89 3.23
C VAL A 64 -18.23 24.07 1.93
N PRO A 65 -19.47 23.69 1.54
CA PRO A 65 -19.73 22.94 0.30
C PRO A 65 -19.39 23.78 -0.94
N TYR A 66 -18.98 23.13 -2.02
CA TYR A 66 -18.56 23.82 -3.27
C TYR A 66 -19.48 24.98 -3.70
N ALA A 67 -20.79 24.78 -3.56
CA ALA A 67 -21.78 25.78 -4.00
C ALA A 67 -21.69 27.13 -3.27
N LYS A 68 -21.22 27.11 -2.03
CA LYS A 68 -21.13 28.32 -1.20
C LYS A 68 -19.70 28.87 -0.95
N VAL A 69 -18.69 28.23 -1.54
CA VAL A 69 -17.30 28.66 -1.36
C VAL A 69 -17.01 30.03 -2.03
N GLU A 72 -8.61 28.79 -4.89
CA GLU A 72 -9.65 27.85 -4.49
C GLU A 72 -11.03 28.22 -5.05
N SER A 73 -11.98 27.28 -5.12
CA SER A 73 -11.79 25.84 -4.86
C SER A 73 -11.61 25.32 -6.28
N TRP A 74 -11.04 24.14 -6.58
CA TRP A 74 -11.13 22.82 -5.92
C TRP A 74 -12.45 22.26 -5.39
N PRO A 75 -13.26 21.66 -6.30
CA PRO A 75 -14.57 21.10 -5.95
C PRO A 75 -14.38 19.93 -4.99
N LEU A 76 -14.92 20.03 -3.78
CA LEU A 76 -14.74 19.03 -2.75
C LEU A 76 -16.02 18.78 -1.95
N THR A 77 -16.27 17.52 -1.61
CA THR A 77 -17.37 17.22 -0.71
C THR A 77 -16.99 17.60 0.71
N ILE A 78 -17.99 17.57 1.59
CA ILE A 78 -17.77 17.92 2.99
C ILE A 78 -17.38 16.71 3.83
N ASP A 79 -17.13 15.60 3.15
CA ASP A 79 -16.66 14.33 3.76
C ASP A 79 -15.34 14.49 4.54
N ARG A 80 -14.52 15.41 4.04
CA ARG A 80 -13.22 15.76 4.61
C ARG A 80 -13.29 16.11 6.11
N ALA A 81 -14.41 16.71 6.54
CA ALA A 81 -14.67 17.03 7.94
C ALA A 81 -14.69 15.80 8.83
N ARG A 82 -15.31 14.72 8.35
CA ARG A 82 -15.29 13.40 9.01
C ARG A 82 -13.85 12.86 9.18
N ILE A 83 -13.08 12.90 8.09
CA ILE A 83 -11.64 12.52 8.14
C ILE A 83 -10.88 13.34 9.18
N GLU A 84 -11.01 14.68 9.11
CA GLU A 84 -10.24 15.60 9.95
C GLU A 84 -10.54 15.37 11.43
N SER A 85 -11.83 15.30 11.78
CA SER A 85 -12.27 15.03 13.15
C SER A 85 -11.74 13.69 13.66
N SER A 86 -11.98 12.64 12.87
CA SER A 86 -11.58 11.29 13.28
C SER A 86 -10.06 11.16 13.40
N ALA A 87 -9.33 11.82 12.51
CA ALA A 87 -7.87 11.79 12.55
C ALA A 87 -7.34 12.52 13.78
N LEU A 88 -7.95 13.68 14.11
CA LEU A 88 -7.56 14.46 15.30
C LEU A 88 -7.75 13.65 16.56
N ILE A 89 -8.90 12.98 16.65
CA ILE A 89 -9.25 12.16 17.80
C ILE A 89 -8.26 11.01 17.97
N ARG A 90 -7.96 10.32 16.87
CA ARG A 90 -6.96 9.26 16.87
C ARG A 90 -5.59 9.73 17.33
N GLN A 91 -5.14 10.89 16.83
CA GLN A 91 -3.86 11.47 17.25
C GLN A 91 -3.86 11.81 18.74
N GLY A 92 -4.98 12.31 19.24
CA GLY A 92 -5.15 12.61 20.65
C GLY A 92 -5.06 11.44 21.61
N GLU A 93 -5.34 10.21 21.14
CA GLU A 93 -5.14 9.03 21.97
C GLU A 93 -3.66 8.75 22.22
N HIS A 94 -2.77 9.24 21.37
CA HIS A 94 -1.35 8.93 21.49
C HIS A 94 -0.48 10.12 21.85
N VAL A 95 -0.81 11.29 21.31
CA VAL A 95 -0.06 12.52 21.57
C VAL A 95 -1.01 13.68 21.90
N PRO A 96 -1.79 13.56 23.01
CA PRO A 96 -2.80 14.57 23.29
C PRO A 96 -2.23 15.97 23.52
N HIS A 97 -0.97 16.04 23.94
CA HIS A 97 -0.25 17.30 24.15
C HIS A 97 0.21 17.98 22.86
N LEU A 98 0.05 17.29 21.72
CA LEU A 98 0.56 17.79 20.43
C LEU A 98 -0.50 18.07 19.36
N VAL A 99 -1.77 18.00 19.74
CA VAL A 99 -2.92 18.26 18.87
C VAL A 99 -4.01 18.93 19.73
N PRO A 100 -4.87 19.76 19.12
CA PRO A 100 -5.97 20.30 19.92
C PRO A 100 -6.93 19.19 20.32
N ARG A 101 -7.48 19.33 21.53
CA ARG A 101 -8.53 18.47 22.03
C ARG A 101 -9.78 18.68 21.19
N VAL A 102 -10.52 17.60 20.96
CA VAL A 102 -11.75 17.65 20.20
C VAL A 102 -12.87 17.37 21.21
N PHE A 103 -13.84 18.28 21.27
CA PHE A 103 -14.96 18.19 22.22
C PHE A 103 -16.22 17.55 21.61
N TYR A 104 -16.39 17.73 20.31
CA TYR A 104 -17.58 17.28 19.60
C TYR A 104 -17.23 17.28 18.11
N SER A 105 -17.82 16.33 17.39
CA SER A 105 -17.80 16.38 15.93
C SER A 105 -19.06 15.76 15.33
N ASP A 106 -19.37 16.16 14.11
CA ASP A 106 -20.53 15.65 13.42
C ASP A 106 -20.33 15.60 11.91
N THR A 107 -20.50 14.41 11.35
CA THR A 107 -20.28 14.17 9.93
C THR A 107 -21.27 14.94 9.06
N GLU A 108 -22.58 14.83 9.35
CA GLU A 108 -23.61 15.43 8.51
C GLU A 108 -23.55 16.96 8.52
N MET A 109 -23.32 17.57 9.68
CA MET A 109 -23.11 19.02 9.77
C MET A 109 -21.68 19.43 9.37
N ALA A 110 -20.80 18.44 9.18
CA ALA A 110 -19.40 18.68 8.82
C ALA A 110 -18.67 19.63 9.77
N VAL A 111 -18.91 19.43 11.07
CA VAL A 111 -18.39 20.28 12.13
C VAL A 111 -17.40 19.54 13.05
N THR A 112 -16.35 20.24 13.47
CA THR A 112 -15.46 19.81 14.53
C THR A 112 -15.41 20.94 15.55
N VAL A 113 -15.72 20.61 16.81
CA VAL A 113 -15.57 21.55 17.92
C VAL A 113 -14.30 21.17 18.67
N MET A 114 -13.39 22.14 18.78
CA MET A 114 -12.07 21.86 19.31
C MET A 114 -11.52 22.95 20.22
N GLU A 115 -10.43 22.61 20.90
CA GLU A 115 -9.62 23.51 21.73
C GLU A 115 -9.20 24.77 20.96
N ASP A 116 -9.36 25.92 21.62
CA ASP A 116 -8.87 27.20 21.12
C ASP A 116 -7.34 27.30 21.30
N LEU A 117 -6.66 27.59 20.22
CA LEU A 117 -5.21 27.74 20.26
C LEU A 117 -4.75 29.13 19.80
N SER A 118 -5.61 30.13 19.99
CA SER A 118 -5.37 31.52 19.59
C SER A 118 -4.16 32.20 20.25
N HIS A 119 -3.71 31.66 21.39
CA HIS A 119 -2.53 32.18 22.08
C HIS A 119 -1.23 31.71 21.40
N LEU A 120 -1.36 30.89 20.37
CA LEU A 120 -0.21 30.42 19.57
C LEU A 120 -0.23 31.06 18.19
N LYS A 121 0.85 30.85 17.45
CA LYS A 121 1.04 31.46 16.14
C LYS A 121 1.32 30.36 15.15
N ILE A 122 0.81 30.49 13.92
CA ILE A 122 1.09 29.50 12.89
C ILE A 122 2.60 29.50 12.65
N ALA A 123 3.21 28.32 12.66
CA ALA A 123 4.67 28.19 12.64
C ALA A 123 5.32 28.83 11.42
N ARG A 124 4.72 28.64 10.25
CA ARG A 124 5.25 29.27 9.04
C ARG A 124 5.35 30.79 9.22
N LYS A 125 4.27 31.41 9.71
CA LYS A 125 4.29 32.85 10.00
C LYS A 125 5.40 33.27 10.98
N GLY A 126 5.51 32.56 12.10
CA GLY A 126 6.54 32.85 13.07
C GLY A 126 7.94 32.68 12.51
N LEU A 127 8.14 31.62 11.71
CA LEU A 127 9.47 31.36 11.13
C LEU A 127 9.92 32.46 10.17
N ILE A 128 8.97 32.94 9.36
CA ILE A 128 9.21 34.05 8.43
C ILE A 128 9.50 35.38 9.17
N GLU A 129 8.84 35.57 10.32
CA GLU A 129 9.07 36.71 11.22
C GLU A 129 10.40 36.61 11.94
N GLY A 130 11.02 35.44 11.91
CA GLY A 130 12.34 35.24 12.52
C GLY A 130 12.32 34.54 13.86
N GLU A 131 11.14 34.08 14.28
CA GLU A 131 11.04 33.18 15.44
C GLU A 131 11.79 31.89 15.15
N ASN A 132 12.47 31.34 16.16
CA ASN A 132 13.27 30.12 15.95
C ASN A 132 12.65 28.83 16.52
N TYR A 133 11.71 28.98 17.45
CA TYR A 133 10.96 27.87 18.09
C TYR A 133 11.85 26.68 18.47
N PRO A 134 12.66 26.83 19.54
CA PRO A 134 13.70 25.85 19.89
C PRO A 134 13.23 24.41 20.07
N HIS A 135 11.95 24.22 20.37
CA HIS A 135 11.42 22.88 20.62
C HIS A 135 10.57 22.33 19.49
N LEU A 136 10.41 23.10 18.40
CA LEU A 136 9.54 22.66 17.29
C LEU A 136 9.89 21.28 16.73
N SER A 137 11.18 20.99 16.59
CA SER A 137 11.59 19.75 15.93
C SER A 137 11.47 18.55 16.88
N GLN A 138 11.73 18.79 18.15
CA GLN A 138 11.57 17.79 19.19
C GLN A 138 10.09 17.38 19.33
N HIS A 139 9.18 18.36 19.28
CA HIS A 139 7.74 18.09 19.33
C HIS A 139 7.21 17.38 18.09
N ILE A 140 7.58 17.89 16.91
CA ILE A 140 7.12 17.31 15.66
C ILE A 140 7.72 15.91 15.46
N GLY A 141 8.97 15.71 15.88
CA GLY A 141 9.61 14.41 15.74
C GLY A 141 8.88 13.36 16.57
N GLU A 142 8.48 13.74 17.79
CA GLU A 142 7.65 12.91 18.64
C GLU A 142 6.28 12.66 18.06
N PHE A 143 5.60 13.70 17.59
CA PHE A 143 4.34 13.56 16.82
C PHE A 143 4.50 12.53 15.73
N LEU A 144 5.51 12.73 14.89
CA LEU A 144 5.81 11.84 13.76
C LEU A 144 6.04 10.40 14.22
N GLY A 145 6.92 10.21 15.19
CA GLY A 145 7.29 8.87 15.62
C GLY A 145 6.09 8.10 16.16
N LYS A 146 5.30 8.77 16.99
CA LYS A 146 4.16 8.10 17.64
C LYS A 146 2.95 7.92 16.73
N THR A 147 2.55 8.96 16.01
CA THR A 147 1.40 8.85 15.09
C THR A 147 1.65 7.79 14.04
N LEU A 148 2.86 7.78 13.46
CA LEU A 148 3.15 6.90 12.34
C LEU A 148 3.34 5.44 12.75
N PHE A 149 4.01 5.18 13.87
CA PHE A 149 4.08 3.81 14.41
C PHE A 149 2.74 3.19 14.89
N TYR A 150 1.96 3.94 15.66
CA TYR A 150 0.84 3.35 16.41
C TYR A 150 -0.38 3.04 15.56
N SER A 151 -0.33 3.44 14.31
CA SER A 151 -1.40 3.12 13.38
C SER A 151 -0.95 2.15 12.26
N SER A 152 0.27 1.62 12.39
CA SER A 152 0.84 0.72 11.37
C SER A 152 0.55 -0.75 11.68
N ASP A 153 0.94 -1.64 10.76
CA ASP A 153 0.83 -3.10 11.02
C ASP A 153 1.79 -3.53 12.12
N TYR A 154 2.81 -2.70 12.38
CA TYR A 154 3.79 -3.02 13.43
C TYR A 154 3.12 -2.97 14.79
N ALA A 155 2.21 -2.02 14.97
CA ALA A 155 1.57 -1.76 16.26
C ALA A 155 0.18 -2.40 16.41
N LEU A 156 -0.50 -2.63 15.28
CA LEU A 156 -1.89 -3.11 15.26
C LEU A 156 -2.05 -4.50 14.63
N GLU A 157 -3.01 -5.28 15.15
CA GLU A 157 -3.37 -6.54 14.49
C GLU A 157 -3.83 -6.20 13.07
N PRO A 158 -3.41 -7.02 12.08
CA PRO A 158 -3.69 -6.61 10.69
C PRO A 158 -5.18 -6.47 10.37
N LYS A 159 -6.03 -7.28 11.02
CA LYS A 159 -7.47 -7.23 10.81
C LYS A 159 -8.02 -5.87 11.26
N VAL A 160 -7.50 -5.36 12.38
CA VAL A 160 -7.88 -4.04 12.88
C VAL A 160 -7.39 -2.93 11.95
N LYS A 161 -6.13 -3.01 11.54
CA LYS A 161 -5.55 -1.98 10.71
C LYS A 161 -6.30 -1.91 9.36
N LYS A 162 -6.67 -3.06 8.83
CA LYS A 162 -7.40 -3.18 7.56
C LYS A 162 -8.79 -2.50 7.59
N GLN A 163 -9.45 -2.56 8.74
CA GLN A 163 -10.68 -1.76 8.92
C GLN A 163 -10.42 -0.25 8.96
N LEU A 164 -9.35 0.17 9.62
CA LEU A 164 -8.90 1.58 9.59
C LEU A 164 -8.56 2.10 8.19
N VAL A 165 -7.93 1.26 7.36
CA VAL A 165 -7.70 1.63 5.94
C VAL A 165 -9.00 2.03 5.25
N LYS A 166 -10.07 1.25 5.45
CA LYS A 166 -11.37 1.54 4.82
C LYS A 166 -11.93 2.85 5.36
N GLN A 167 -11.90 2.99 6.69
CA GLN A 167 -12.48 4.14 7.39
C GLN A 167 -11.77 5.45 7.00
N PHE A 168 -10.47 5.37 6.74
CA PHE A 168 -9.71 6.55 6.40
C PHE A 168 -9.38 6.71 4.92
N THR A 169 -10.01 5.90 4.08
CA THR A 169 -9.92 6.09 2.61
C THR A 169 -10.40 7.50 2.26
N ASN A 170 -9.56 8.23 1.53
CA ASN A 170 -9.74 9.65 1.31
C ASN A 170 -9.54 9.98 -0.17
N PRO A 171 -10.45 9.50 -1.06
CA PRO A 171 -10.17 9.63 -2.50
C PRO A 171 -9.99 11.06 -3.02
N GLU A 172 -10.83 12.01 -2.60
CA GLU A 172 -10.77 13.38 -3.15
C GLU A 172 -9.51 14.14 -2.77
N LEU A 173 -9.16 14.05 -1.49
CA LEU A 173 -7.99 14.78 -1.00
C LEU A 173 -6.68 14.11 -1.44
N CYS A 174 -6.68 12.77 -1.48
CA CYS A 174 -5.58 12.06 -2.11
C CYS A 174 -5.37 12.50 -3.55
N ASP A 175 -6.47 12.69 -4.28
CA ASP A 175 -6.39 13.13 -5.68
C ASP A 175 -5.71 14.51 -5.79
N ILE A 176 -5.94 15.39 -4.81
CA ILE A 176 -5.25 16.68 -4.78
C ILE A 176 -3.74 16.46 -4.65
N THR A 177 -3.31 15.62 -3.70
CA THR A 177 -1.88 15.38 -3.53
C THR A 177 -1.25 14.66 -4.72
N GLU A 178 -1.94 13.64 -5.24
CA GLU A 178 -1.43 12.85 -6.36
C GLU A 178 -1.17 13.78 -7.55
N ARG A 179 -2.06 14.75 -7.77
CA ARG A 179 -1.90 15.71 -8.87
C ARG A 179 -0.82 16.76 -8.58
N LEU A 180 -0.91 17.38 -7.41
CA LEU A 180 -0.13 18.59 -7.15
C LEU A 180 1.28 18.30 -6.64
N VAL A 181 1.40 17.29 -5.80
CA VAL A 181 2.72 16.98 -5.26
C VAL A 181 3.54 16.16 -6.24
N PHE A 182 2.86 15.22 -6.91
CA PHE A 182 3.55 14.13 -7.60
C PHE A 182 3.52 14.16 -9.13
N THR A 183 2.72 15.04 -9.73
CA THR A 183 2.47 14.96 -11.18
C THR A 183 2.62 16.29 -11.91
N ASP A 184 1.81 17.27 -11.51
CA ASP A 184 1.64 18.52 -12.25
C ASP A 184 2.91 19.36 -12.47
N PRO A 185 3.72 19.58 -11.40
CA PRO A 185 4.96 20.35 -11.60
C PRO A 185 5.93 19.73 -12.59
N PHE A 186 5.82 18.43 -12.84
CA PHE A 186 6.79 17.72 -13.67
C PHE A 186 6.42 17.72 -15.14
N PHE A 187 5.33 18.41 -15.47
CA PHE A 187 4.85 18.52 -16.86
C PHE A 187 4.29 19.90 -17.08
N ASP A 188 4.07 20.24 -18.34
CA ASP A 188 3.43 21.50 -18.64
C ASP A 188 1.92 21.39 -18.46
N HIS A 189 1.50 21.37 -17.19
CA HIS A 189 0.09 21.21 -16.85
C HIS A 189 -0.52 22.54 -16.40
N ASP A 190 -1.85 22.59 -16.52
CA ASP A 190 -2.63 23.82 -16.32
C ASP A 190 -2.58 24.39 -14.91
N THR A 191 -2.38 23.53 -13.91
CA THR A 191 -2.35 23.94 -12.50
C THR A 191 -1.07 24.66 -12.02
N ASN A 192 0.04 24.54 -12.77
CA ASN A 192 1.32 25.14 -12.34
C ASN A 192 1.23 26.66 -12.36
N ASP A 193 2.07 27.32 -11.59
CA ASP A 193 2.03 28.77 -11.47
C ASP A 193 3.44 29.20 -11.08
N PHE A 194 4.16 29.77 -12.05
CA PHE A 194 5.54 30.18 -11.84
C PHE A 194 5.85 31.43 -12.68
N GLU A 195 6.83 32.22 -12.24
CA GLU A 195 7.29 33.40 -12.97
C GLU A 195 8.01 32.95 -14.24
N GLU A 196 7.86 33.74 -15.31
CA GLU A 196 8.50 33.47 -16.61
C GLU A 196 10.02 33.40 -16.53
N GLU A 197 10.59 34.21 -15.63
CA GLU A 197 12.01 34.17 -15.31
C GLU A 197 12.48 32.76 -14.95
N LEU A 198 11.58 31.96 -14.36
CA LEU A 198 11.90 30.59 -13.94
C LEU A 198 11.83 29.56 -15.07
N ARG A 199 11.15 29.90 -16.15
CA ARG A 199 10.87 28.93 -17.22
C ARG A 199 12.07 28.13 -17.74
N PRO A 200 13.22 28.78 -18.00
CA PRO A 200 14.35 27.94 -18.43
C PRO A 200 14.60 26.74 -17.50
N PHE A 201 14.49 26.97 -16.18
CA PHE A 201 14.80 25.96 -15.18
C PHE A 201 13.67 24.95 -14.99
N VAL A 202 12.43 25.42 -15.15
CA VAL A 202 11.24 24.57 -15.12
C VAL A 202 11.30 23.58 -16.29
N GLU A 203 11.63 24.08 -17.48
CA GLU A 203 11.77 23.26 -18.68
C GLU A 203 12.88 22.20 -18.58
N LYS A 204 13.93 22.54 -17.83
CA LYS A 204 15.01 21.60 -17.53
C LYS A 204 14.48 20.42 -16.70
N LEU A 205 13.54 20.70 -15.79
CA LEU A 205 12.88 19.64 -15.01
C LEU A 205 11.99 18.80 -15.90
N TRP A 206 11.15 19.46 -16.71
CA TRP A 206 10.21 18.78 -17.60
C TRP A 206 10.90 17.82 -18.55
N ASN A 207 12.15 18.14 -18.90
CA ASN A 207 12.91 17.36 -19.90
C ASN A 207 13.82 16.32 -19.28
N ASN A 208 13.83 16.28 -17.96
CA ASN A 208 14.65 15.38 -17.20
C ASN A 208 13.92 14.05 -16.97
N ASP A 209 14.11 13.11 -17.91
CA ASP A 209 13.49 11.77 -17.85
C ASP A 209 13.80 11.00 -16.55
N SER A 210 15.06 11.01 -16.11
CA SER A 210 15.45 10.14 -14.99
C SER A 210 14.86 10.60 -13.66
N VAL A 211 14.69 11.92 -13.49
CA VAL A 211 14.05 12.44 -12.27
C VAL A 211 12.54 12.18 -12.31
N LYS A 212 11.93 12.31 -13.49
CA LYS A 212 10.50 12.09 -13.63
C LYS A 212 10.14 10.62 -13.39
N ILE A 213 11.00 9.69 -13.83
CA ILE A 213 10.86 8.25 -13.51
C ILE A 213 10.87 8.02 -11.99
N GLU A 214 11.75 8.73 -11.28
CA GLU A 214 11.83 8.62 -9.82
C GLU A 214 10.62 9.27 -9.12
N ALA A 215 10.14 10.39 -9.65
CA ALA A 215 8.89 11.00 -9.13
C ALA A 215 7.71 10.03 -9.32
N ALA A 216 7.68 9.35 -10.46
CA ALA A 216 6.66 8.34 -10.76
C ALA A 216 6.63 7.18 -9.74
N LYS A 217 7.82 6.66 -9.41
CA LYS A 217 7.95 5.60 -8.39
C LYS A 217 7.48 6.08 -7.03
N LEU A 218 7.77 7.35 -6.71
CA LEU A 218 7.35 7.95 -5.44
C LEU A 218 5.83 8.12 -5.42
N LYS A 219 5.26 8.59 -6.51
CA LYS A 219 3.81 8.66 -6.66
C LYS A 219 3.17 7.29 -6.50
N LYS A 220 3.75 6.29 -7.16
CA LYS A 220 3.26 4.91 -7.08
C LYS A 220 3.26 4.44 -5.61
N SER A 221 4.30 4.79 -4.87
CA SER A 221 4.32 4.43 -3.44
C SER A 221 3.21 5.19 -2.67
N PHE A 222 3.05 6.48 -2.95
CA PHE A 222 1.93 7.23 -2.37
C PHE A 222 0.57 6.57 -2.66
N LEU A 223 0.37 6.15 -3.90
CA LEU A 223 -0.86 5.47 -4.33
C LEU A 223 -1.13 4.09 -3.72
N THR A 224 -0.08 3.36 -3.34
CA THR A 224 -0.22 1.95 -3.05
C THR A 224 0.28 1.49 -1.69
N SER A 225 1.20 2.22 -1.07
CA SER A 225 1.82 1.74 0.17
C SER A 225 1.03 2.21 1.38
N ALA A 226 0.11 1.34 1.84
CA ALA A 226 -0.82 1.62 2.93
C ALA A 226 -0.23 1.16 4.25
N GLU A 227 0.78 1.90 4.69
CA GLU A 227 1.62 1.54 5.79
C GLU A 227 1.11 2.01 7.12
N THR A 228 0.62 3.25 7.19
CA THR A 228 0.10 3.80 8.42
C THR A 228 -0.85 4.94 8.10
N LEU A 229 -1.58 5.39 9.12
CA LEU A 229 -2.44 6.55 8.98
C LEU A 229 -1.57 7.79 9.07
N ILE A 230 -1.49 8.53 7.97
CA ILE A 230 -0.64 9.71 7.89
C ILE A 230 -1.51 10.97 8.02
N HIS A 231 -0.88 12.11 8.26
CA HIS A 231 -1.56 13.40 8.38
C HIS A 231 -1.86 13.90 6.96
N GLY A 232 -0.89 13.71 6.06
CA GLY A 232 -1.04 13.97 4.64
C GLY A 232 -0.82 15.37 4.11
N ASP A 233 -0.61 16.32 5.00
CA ASP A 233 -0.37 17.72 4.63
C ASP A 233 0.35 18.45 5.77
N LEU A 234 1.40 17.81 6.28
CA LEU A 234 2.10 18.35 7.43
C LEU A 234 3.18 19.39 7.07
N HIS A 235 2.72 20.58 6.72
CA HIS A 235 3.62 21.68 6.43
C HIS A 235 3.62 22.64 7.61
N THR A 236 4.52 23.63 7.59
CA THR A 236 4.67 24.60 8.66
C THR A 236 3.45 25.51 8.88
N GLY A 237 2.61 25.63 7.85
CA GLY A 237 1.37 26.38 8.00
C GLY A 237 0.28 25.54 8.63
N SER A 238 0.59 24.30 8.99
CA SER A 238 -0.41 23.42 9.55
C SER A 238 -0.06 23.08 10.99
N ILE A 239 0.77 23.92 11.60
CA ILE A 239 1.22 23.75 12.98
C ILE A 239 1.14 25.09 13.72
N PHE A 240 0.60 25.04 14.95
CA PHE A 240 0.64 26.17 15.88
C PHE A 240 1.86 26.04 16.76
N ALA A 241 2.52 27.17 17.03
CA ALA A 241 3.77 27.21 17.78
C ALA A 241 3.92 28.42 18.71
N SER A 242 4.61 28.18 19.82
CA SER A 242 5.16 29.24 20.63
C SER A 242 6.50 28.71 21.05
N GLU A 243 7.23 29.50 21.84
CA GLU A 243 8.52 29.05 22.36
C GLU A 243 8.48 27.67 23.03
N HIS A 244 7.39 27.39 23.75
CA HIS A 244 7.30 26.17 24.59
C HIS A 244 6.27 25.14 24.14
N GLU A 245 5.43 25.49 23.17
CA GLU A 245 4.31 24.62 22.77
C GLU A 245 4.28 24.43 21.27
N THR A 246 3.76 23.29 20.85
CA THR A 246 3.59 22.96 19.43
C THR A 246 2.32 22.13 19.36
N LYS A 247 1.46 22.42 18.37
CA LYS A 247 0.21 21.69 18.14
C LYS A 247 0.02 21.49 16.65
N VAL A 248 -0.22 20.25 16.24
CA VAL A 248 -0.45 19.99 14.81
C VAL A 248 -1.95 20.06 14.51
N ILE A 249 -2.32 20.77 13.43
CA ILE A 249 -3.74 20.93 13.08
C ILE A 249 -4.07 20.39 11.69
N ASP A 250 -5.37 20.31 11.41
CA ASP A 250 -5.93 20.03 10.07
C ASP A 250 -5.41 18.75 9.35
N PRO A 251 -5.61 17.58 9.98
CA PRO A 251 -5.30 16.31 9.29
C PRO A 251 -6.40 15.88 8.31
N GLU A 252 -6.94 16.80 7.53
CA GLU A 252 -7.99 16.46 6.57
C GLU A 252 -7.51 15.53 5.45
N PHE A 253 -6.21 15.56 5.15
CA PHE A 253 -5.64 14.71 4.09
C PHE A 253 -5.29 13.31 4.61
N ALA A 254 -5.63 13.02 5.86
CA ALA A 254 -5.31 11.73 6.46
C ALA A 254 -5.82 10.54 5.65
N PHE A 255 -4.94 9.55 5.47
CA PHE A 255 -5.31 8.25 4.92
C PHE A 255 -4.16 7.27 5.18
N TYR A 256 -4.34 6.04 4.76
CA TYR A 256 -3.28 5.03 4.85
C TYR A 256 -2.30 5.10 3.70
N GLY A 257 -1.14 5.70 3.99
CA GLY A 257 -0.10 5.98 2.99
C GLY A 257 1.30 5.68 3.53
N PRO A 258 2.35 6.02 2.78
CA PRO A 258 3.73 5.70 3.22
C PRO A 258 4.17 6.47 4.47
N ILE A 259 4.85 5.77 5.38
CA ILE A 259 5.38 6.35 6.61
C ILE A 259 6.27 7.56 6.37
N GLY A 260 7.09 7.53 5.32
CA GLY A 260 8.03 8.64 5.06
C GLY A 260 7.39 9.95 4.59
N PHE A 261 6.14 9.89 4.15
CA PHE A 261 5.51 11.06 3.52
C PHE A 261 5.43 12.32 4.41
N ASP A 262 4.81 12.19 5.59
CA ASP A 262 4.70 13.28 6.55
C ASP A 262 6.07 13.81 6.96
N VAL A 263 7.02 12.90 7.16
CA VAL A 263 8.40 13.27 7.55
C VAL A 263 9.04 14.11 6.44
N GLY A 264 8.90 13.66 5.20
CA GLY A 264 9.42 14.39 4.04
C GLY A 264 8.79 15.76 3.80
N GLN A 265 7.46 15.86 3.91
CA GLN A 265 6.80 17.16 3.74
C GLN A 265 7.23 18.16 4.78
N PHE A 266 7.29 17.73 6.05
CA PHE A 266 7.72 18.62 7.11
C PHE A 266 9.16 19.09 6.87
N ILE A 267 10.06 18.15 6.60
CA ILE A 267 11.46 18.49 6.39
C ILE A 267 11.61 19.48 5.23
N ALA A 268 10.90 19.24 4.13
CA ALA A 268 10.97 20.14 2.99
C ALA A 268 10.54 21.59 3.35
N ASN A 269 9.49 21.72 4.17
CA ASN A 269 9.03 23.04 4.59
C ASN A 269 10.01 23.78 5.52
N LEU A 270 10.81 23.02 6.27
CA LEU A 270 11.97 23.58 7.00
C LEU A 270 13.07 24.09 6.07
N PHE A 271 13.40 23.30 5.05
CA PHE A 271 14.33 23.74 4.01
C PHE A 271 13.81 24.93 3.22
N LEU A 272 12.51 24.93 2.89
CA LEU A 272 11.89 26.10 2.24
C LEU A 272 12.04 27.40 3.06
N ASN A 273 11.85 27.32 4.37
CA ASN A 273 12.16 28.48 5.21
C ASN A 273 13.64 28.88 5.20
N ALA A 274 14.54 27.90 5.31
CA ALA A 274 15.97 28.16 5.21
C ALA A 274 16.31 28.95 3.94
N LEU A 275 15.68 28.59 2.81
CA LEU A 275 15.92 29.27 1.55
C LEU A 275 15.48 30.74 1.56
N SER A 276 14.45 31.05 2.34
CA SER A 276 13.94 32.41 2.43
C SER A 276 14.82 33.28 3.32
N ARG A 277 15.66 32.63 4.11
CA ARG A 277 16.58 33.30 5.02
C ARG A 277 17.97 33.42 4.38
N ASP A 278 18.85 34.15 5.06
CA ASP A 278 20.20 34.42 4.60
C ASP A 278 21.24 33.98 5.62
N GLY A 279 22.35 33.42 5.15
CA GLY A 279 23.56 33.28 5.95
C GLY A 279 23.38 32.50 7.24
N ALA A 280 23.84 33.08 8.35
CA ALA A 280 23.80 32.43 9.64
C ALA A 280 22.39 32.29 10.21
N ASP A 281 21.42 33.03 9.65
CA ASP A 281 20.04 32.89 10.08
C ASP A 281 19.45 31.52 9.71
N ARG A 282 20.06 30.85 8.74
CA ARG A 282 19.55 29.56 8.30
C ARG A 282 19.81 28.46 9.31
N GLU A 283 20.77 28.68 10.21
CA GLU A 283 21.25 27.63 11.09
C GLU A 283 20.17 26.98 11.98
N PRO A 284 19.27 27.79 12.60
CA PRO A 284 18.17 27.16 13.38
C PRO A 284 17.32 26.16 12.59
N LEU A 285 17.12 26.40 11.30
CA LEU A 285 16.33 25.53 10.44
C LEU A 285 17.05 24.24 10.09
N TYR A 286 18.35 24.35 9.82
CA TYR A 286 19.19 23.18 9.57
C TYR A 286 19.24 22.32 10.85
N GLU A 287 19.34 22.98 12.00
CA GLU A 287 19.24 22.28 13.29
C GLU A 287 17.89 21.56 13.51
N HIS A 288 16.78 22.19 13.10
CA HIS A 288 15.46 21.56 13.14
C HIS A 288 15.32 20.32 12.21
N VAL A 289 15.89 20.39 11.01
CA VAL A 289 15.92 19.23 10.10
C VAL A 289 16.65 18.06 10.77
N ASN A 290 17.85 18.34 11.28
CA ASN A 290 18.60 17.32 11.99
C ASN A 290 17.83 16.75 13.18
N GLN A 291 17.27 17.63 14.01
CA GLN A 291 16.59 17.21 15.23
C GLN A 291 15.28 16.44 14.96
N VAL A 292 14.54 16.86 13.94
CA VAL A 292 13.27 16.21 13.67
C VAL A 292 13.51 14.78 13.17
N TRP A 293 14.50 14.57 12.29
CA TRP A 293 14.84 13.19 11.88
C TRP A 293 15.28 12.37 13.08
N GLU A 294 16.22 12.91 13.84
CA GLU A 294 16.78 12.23 14.99
C GLU A 294 15.68 11.83 15.99
N THR A 295 14.81 12.77 16.34
CA THR A 295 13.71 12.52 17.27
C THR A 295 12.69 11.57 16.69
N PHE A 296 12.37 11.73 15.40
CA PHE A 296 11.49 10.75 14.75
C PHE A 296 12.08 9.35 14.94
N GLU A 297 13.34 9.18 14.53
CA GLU A 297 13.99 7.86 14.57
C GLU A 297 14.02 7.25 15.95
N GLU A 298 14.36 8.07 16.94
CA GLU A 298 14.41 7.67 18.35
C GLU A 298 13.00 7.27 18.86
N THR A 299 12.00 8.07 18.50
CA THR A 299 10.62 7.89 18.98
C THR A 299 10.03 6.62 18.36
N PHE A 300 10.21 6.51 17.06
CA PHE A 300 9.76 5.37 16.28
C PHE A 300 10.41 4.09 16.82
N SER A 301 11.72 4.16 17.04
CA SER A 301 12.49 3.03 17.54
C SER A 301 12.06 2.60 18.94
N GLU A 302 11.79 3.57 19.82
CA GLU A 302 11.34 3.25 21.18
C GLU A 302 9.96 2.58 21.16
N ALA A 303 9.10 3.04 20.25
CA ALA A 303 7.74 2.49 20.10
C ALA A 303 7.78 1.07 19.54
N TRP A 304 8.66 0.88 18.57
CA TRP A 304 8.91 -0.42 17.95
C TRP A 304 9.38 -1.46 18.99
N GLN A 305 10.30 -1.04 19.85
CA GLN A 305 10.87 -1.94 20.85
C GLN A 305 9.83 -2.36 21.88
N LYS A 306 9.05 -1.41 22.38
CA LYS A 306 8.05 -1.64 23.42
C LYS A 306 6.70 -2.18 22.95
N ASP A 307 6.28 -1.84 21.74
CA ASP A 307 4.89 -2.05 21.37
C ASP A 307 4.68 -2.75 20.02
N SER A 308 5.70 -3.44 19.48
CA SER A 308 5.47 -4.17 18.23
C SER A 308 4.76 -5.46 18.60
N LEU A 309 3.90 -5.94 17.70
CA LEU A 309 3.20 -7.22 17.88
C LEU A 309 3.86 -8.29 17.00
N ASP A 310 4.76 -7.82 16.17
CA ASP A 310 5.44 -8.57 15.12
C ASP A 310 6.49 -9.51 15.73
N VAL A 311 6.42 -10.80 15.40
CA VAL A 311 7.45 -11.74 15.86
C VAL A 311 8.84 -11.45 15.27
N TYR A 312 8.88 -10.71 14.16
CA TYR A 312 10.12 -10.37 13.49
C TYR A 312 10.81 -9.12 14.05
N ALA A 313 10.12 -8.41 14.95
CA ALA A 313 10.49 -7.03 15.29
C ALA A 313 11.87 -6.91 15.95
N ASN A 314 12.27 -7.93 16.70
CA ASN A 314 13.50 -7.82 17.46
C ASN A 314 14.68 -8.64 16.89
N ILE A 315 14.58 -8.99 15.61
CA ILE A 315 15.69 -9.59 14.90
C ILE A 315 16.61 -8.45 14.48
N ASP A 316 17.90 -8.60 14.81
CA ASP A 316 18.89 -7.55 14.62
C ASP A 316 18.99 -7.14 13.16
N GLY A 317 18.77 -5.85 12.88
CA GLY A 317 18.85 -5.34 11.53
C GLY A 317 17.51 -5.02 10.88
N TYR A 318 16.43 -5.64 11.33
CA TYR A 318 15.12 -5.37 10.74
C TYR A 318 14.62 -3.93 11.00
N LEU A 319 14.64 -3.45 12.24
CA LEU A 319 14.31 -2.04 12.52
C LEU A 319 15.21 -1.09 11.72
N THR A 320 16.52 -1.37 11.73
CA THR A 320 17.51 -0.58 10.99
C THR A 320 17.16 -0.46 9.53
N ASP A 321 16.83 -1.58 8.87
CA ASP A 321 16.48 -1.57 7.45
C ASP A 321 15.15 -0.87 7.21
N THR A 322 14.20 -1.04 8.14
CA THR A 322 12.91 -0.35 8.06
C THR A 322 13.12 1.18 8.08
N LEU A 323 13.96 1.66 9.00
CA LEU A 323 14.29 3.08 9.11
C LEU A 323 14.98 3.62 7.85
N SER A 324 15.82 2.79 7.22
CA SER A 324 16.56 3.23 6.03
C SER A 324 15.61 3.45 4.88
N HIS A 325 14.62 2.57 4.76
CA HIS A 325 13.58 2.71 3.73
C HIS A 325 12.68 3.93 4.00
N ILE A 326 12.27 4.14 5.24
CA ILE A 326 11.48 5.34 5.57
C ILE A 326 12.27 6.61 5.23
N PHE A 327 13.57 6.59 5.56
CA PHE A 327 14.48 7.72 5.32
C PHE A 327 14.59 8.04 3.83
N GLU A 328 14.87 7.00 3.05
CA GLU A 328 14.94 7.13 1.60
C GLU A 328 13.67 7.75 1.03
N GLU A 329 12.49 7.20 1.37
CA GLU A 329 11.24 7.77 0.88
C GLU A 329 10.97 9.18 1.38
N ALA A 330 11.23 9.43 2.66
CA ALA A 330 11.08 10.78 3.22
C ALA A 330 11.85 11.85 2.42
N ILE A 331 13.12 11.56 2.07
CA ILE A 331 13.94 12.51 1.30
C ILE A 331 13.38 12.69 -0.13
N GLY A 332 12.98 11.60 -0.77
CA GLY A 332 12.30 11.70 -2.07
C GLY A 332 11.01 12.54 -2.02
N PHE A 333 10.14 12.22 -1.07
CA PHE A 333 8.96 13.07 -0.80
C PHE A 333 9.31 14.53 -0.48
N ALA A 334 10.36 14.78 0.31
CA ALA A 334 10.83 16.14 0.56
C ALA A 334 11.16 16.88 -0.74
N GLY A 335 11.77 16.18 -1.68
CA GLY A 335 12.14 16.76 -2.96
C GLY A 335 10.96 17.17 -3.81
N CYS A 336 9.95 16.30 -3.90
CA CYS A 336 8.66 16.62 -4.54
C CYS A 336 8.01 17.87 -3.92
N GLU A 337 7.98 17.95 -2.60
CA GLU A 337 7.43 19.12 -1.90
C GLU A 337 8.23 20.42 -2.18
N LEU A 338 9.55 20.33 -2.21
CA LEU A 338 10.40 21.48 -2.55
C LEU A 338 9.99 22.01 -3.91
N ILE A 339 9.86 21.10 -4.89
CA ILE A 339 9.53 21.44 -6.29
C ILE A 339 8.12 21.99 -6.43
N ARG A 340 7.17 21.21 -5.91
CA ARG A 340 5.74 21.45 -5.89
C ARG A 340 5.35 22.83 -5.31
N ARG A 341 6.00 23.23 -4.23
CA ARG A 341 5.69 24.49 -3.56
C ARG A 341 6.20 25.71 -4.34
N THR A 342 7.14 25.46 -5.25
CA THR A 342 7.88 26.49 -5.96
C THR A 342 7.19 26.87 -7.25
N ILE A 343 6.77 25.86 -8.04
CA ILE A 343 6.20 26.11 -9.37
C ILE A 343 4.77 25.62 -9.54
N GLY A 344 4.22 25.03 -8.49
CA GLY A 344 2.89 24.43 -8.56
C GLY A 344 1.76 25.38 -8.21
N LEU A 345 0.54 24.83 -8.15
CA LEU A 345 -0.66 25.58 -7.81
C LEU A 345 -0.55 26.25 -6.45
N ALA A 346 -0.16 25.47 -5.44
CA ALA A 346 -0.11 25.96 -4.08
C ALA A 346 1.31 26.31 -3.61
N HIS A 347 1.55 27.61 -3.44
CA HIS A 347 2.87 28.13 -3.13
C HIS A 347 3.04 28.27 -1.63
N VAL A 348 4.25 28.59 -1.17
CA VAL A 348 4.49 28.92 0.25
C VAL A 348 4.96 30.38 0.37
N ALA A 349 4.51 31.05 1.43
CA ALA A 349 4.89 32.43 1.71
C ALA A 349 6.40 32.62 1.88
N ASP A 350 7.10 31.60 2.35
CA ASP A 350 8.55 31.68 2.55
C ASP A 350 9.26 32.13 1.29
N LEU A 351 8.88 31.55 0.15
CA LEU A 351 9.46 31.90 -1.15
C LEU A 351 8.80 33.09 -1.84
N ASP A 352 7.46 33.12 -1.86
CA ASP A 352 6.75 34.18 -2.57
C ASP A 352 6.98 35.58 -2.00
N THR A 353 7.35 35.66 -0.72
CA THR A 353 7.58 36.95 -0.08
C THR A 353 9.06 37.39 -0.05
N ILE A 354 9.96 36.57 -0.63
CA ILE A 354 11.37 36.97 -0.79
C ILE A 354 11.47 38.26 -1.62
N VAL A 355 12.25 39.22 -1.12
CA VAL A 355 12.58 40.44 -1.86
C VAL A 355 14.10 40.66 -1.91
N PRO A 356 14.61 41.33 -2.96
CA PRO A 356 13.89 41.82 -4.14
C PRO A 356 13.50 40.69 -5.10
N PHE A 357 12.88 41.04 -6.22
CA PHE A 357 12.38 40.05 -7.17
C PHE A 357 13.41 39.04 -7.70
N ASP A 358 14.61 39.53 -8.04
CA ASP A 358 15.64 38.71 -8.72
C ASP A 358 16.25 37.71 -7.75
N LYS A 359 16.23 38.08 -6.46
CA LYS A 359 16.62 37.18 -5.38
C LYS A 359 15.57 36.05 -5.25
N ARG A 360 14.30 36.43 -5.32
CA ARG A 360 13.19 35.48 -5.29
C ARG A 360 13.33 34.43 -6.37
N ILE A 361 13.55 34.88 -7.61
CA ILE A 361 13.79 33.97 -8.72
C ILE A 361 15.01 33.03 -8.46
N GLY A 362 16.08 33.60 -7.89
CA GLY A 362 17.32 32.85 -7.66
C GLY A 362 17.09 31.76 -6.62
N ARG A 363 16.38 32.11 -5.55
CA ARG A 363 16.09 31.15 -4.48
C ARG A 363 15.07 30.08 -4.90
N LYS A 364 14.10 30.46 -5.73
CA LYS A 364 13.16 29.51 -6.33
C LYS A 364 13.85 28.54 -7.29
N ARG A 365 14.88 29.02 -8.00
CA ARG A 365 15.72 28.16 -8.84
C ARG A 365 16.43 27.08 -8.01
N LEU A 366 16.91 27.51 -6.84
CA LEU A 366 17.55 26.62 -5.87
C LEU A 366 16.61 25.61 -5.19
N ALA A 367 15.35 25.99 -4.92
CA ALA A 367 14.37 25.01 -4.44
C ALA A 367 14.12 23.91 -5.47
N LEU A 368 14.09 24.29 -6.76
CA LEU A 368 13.97 23.29 -7.85
C LEU A 368 15.18 22.36 -7.95
N GLU A 369 16.37 22.95 -7.86
CA GLU A 369 17.62 22.22 -7.96
C GLU A 369 17.84 21.30 -6.75
N THR A 370 17.56 21.80 -5.56
CA THR A 370 17.66 20.96 -4.35
C THR A 370 16.61 19.84 -4.33
N GLY A 371 15.37 20.19 -4.68
CA GLY A 371 14.29 19.20 -4.80
C GLY A 371 14.65 18.05 -5.72
N THR A 372 15.16 18.40 -6.89
CA THR A 372 15.61 17.44 -7.91
C THR A 372 16.70 16.52 -7.37
N ALA A 373 17.72 17.09 -6.70
CA ALA A 373 18.81 16.32 -6.11
C ALA A 373 18.31 15.36 -5.03
N PHE A 374 17.41 15.85 -4.18
CA PHE A 374 16.75 15.01 -3.17
C PHE A 374 16.09 13.79 -3.79
N ILE A 375 15.30 13.99 -4.84
CA ILE A 375 14.60 12.90 -5.52
C ILE A 375 15.60 11.88 -6.10
N GLU A 376 16.56 12.39 -6.86
CA GLU A 376 17.59 11.56 -7.52
C GLU A 376 18.54 10.81 -6.57
N LYS A 377 18.96 11.47 -5.51
CA LYS A 377 19.98 10.93 -4.63
C LYS A 377 19.43 10.34 -3.34
N ARG A 378 18.11 10.21 -3.21
CA ARG A 378 17.48 9.80 -1.95
C ARG A 378 18.03 8.49 -1.35
N SER A 379 18.43 7.54 -2.20
CA SER A 379 18.94 6.25 -1.73
C SER A 379 20.45 6.25 -1.45
N GLU A 380 21.13 7.37 -1.68
CA GLU A 380 22.60 7.45 -1.46
C GLU A 380 22.96 8.03 -0.10
N PHE A 381 22.07 8.86 0.44
CA PHE A 381 22.30 9.46 1.74
C PHE A 381 22.29 8.36 2.78
N LYS A 382 23.18 8.48 3.76
CA LYS A 382 23.22 7.52 4.86
C LYS A 382 22.60 8.11 6.15
N THR A 383 22.84 9.41 6.41
CA THR A 383 22.31 10.09 7.59
C THR A 383 21.62 11.40 7.20
N ILE A 384 20.88 11.98 8.14
CA ILE A 384 20.22 13.27 7.90
C ILE A 384 21.26 14.37 7.68
N THR A 385 22.43 14.27 8.31
CA THR A 385 23.47 15.29 8.12
C THR A 385 24.04 15.30 6.68
N ASP A 386 24.02 14.15 5.99
CA ASP A 386 24.37 14.08 4.58
C ASP A 386 23.44 14.93 3.73
N VAL A 387 22.15 14.87 4.06
CA VAL A 387 21.11 15.62 3.38
C VAL A 387 21.32 17.12 3.63
N ILE A 388 21.53 17.48 4.89
CA ILE A 388 21.76 18.88 5.25
C ILE A 388 23.02 19.42 4.58
N GLU A 389 24.10 18.65 4.60
CA GLU A 389 25.37 19.09 4.04
C GLU A 389 25.31 19.23 2.52
N LEU A 390 24.60 18.32 1.86
CA LEU A 390 24.37 18.48 0.42
C LEU A 390 23.55 19.77 0.13
N PHE A 391 22.50 20.01 0.91
CA PHE A 391 21.66 21.19 0.73
C PHE A 391 22.48 22.48 0.81
N LYS A 392 23.25 22.63 1.89
CA LYS A 392 24.09 23.79 2.11
C LYS A 392 25.05 24.07 0.94
N LEU A 393 25.65 23.03 0.39
CA LEU A 393 26.52 23.20 -0.78
C LEU A 393 25.73 23.69 -1.97
N LEU A 394 24.56 23.13 -2.18
CA LEU A 394 23.77 23.47 -3.34
C LEU A 394 23.24 24.92 -3.28
N VAL A 395 23.04 25.44 -2.08
CA VAL A 395 22.42 26.75 -1.91
C VAL A 395 23.41 27.87 -1.55
N LYS A 396 24.71 27.58 -1.59
CA LYS A 396 25.70 28.61 -1.33
C LYS A 396 25.50 29.72 -2.33
N PRO B 7 -32.45 -14.38 9.39
CA PRO B 7 -31.29 -14.69 8.56
C PRO B 7 -31.66 -15.56 7.36
N LEU B 8 -31.14 -15.20 6.19
CA LEU B 8 -31.53 -15.78 4.91
C LEU B 8 -30.69 -16.99 4.50
N TYR B 9 -29.55 -17.19 5.16
CA TYR B 9 -28.64 -18.30 4.86
C TYR B 9 -29.21 -19.67 5.23
N GLU B 10 -29.13 -20.61 4.30
CA GLU B 10 -29.43 -22.02 4.58
C GLU B 10 -28.47 -22.91 3.82
N THR B 11 -27.88 -23.89 4.51
CA THR B 11 -26.92 -24.77 3.85
C THR B 11 -27.63 -25.73 2.89
N LEU B 12 -27.19 -25.70 1.63
CA LEU B 12 -27.78 -26.54 0.59
C LEU B 12 -27.45 -28.04 0.73
N ASN B 13 -28.31 -28.85 0.14
CA ASN B 13 -28.08 -30.26 -0.10
C ASN B 13 -28.32 -30.50 -1.59
N GLU B 14 -28.17 -31.73 -2.05
CA GLU B 14 -28.32 -32.02 -3.49
C GLU B 14 -29.70 -31.63 -4.03
N SER B 15 -30.73 -31.85 -3.22
CA SER B 15 -32.10 -31.49 -3.60
C SER B 15 -32.34 -29.99 -3.68
N SER B 16 -31.91 -29.25 -2.65
CA SER B 16 -32.07 -27.78 -2.65
C SER B 16 -31.17 -27.06 -3.67
N ALA B 17 -30.07 -27.69 -4.07
CA ALA B 17 -29.22 -27.19 -5.16
C ALA B 17 -29.94 -27.18 -6.51
N VAL B 18 -30.67 -28.26 -6.82
CA VAL B 18 -31.44 -28.35 -8.07
C VAL B 18 -32.63 -27.38 -7.98
N ALA B 19 -33.25 -27.32 -6.81
CA ALA B 19 -34.31 -26.34 -6.53
C ALA B 19 -33.81 -24.92 -6.85
N LEU B 20 -32.64 -24.54 -6.33
CA LEU B 20 -32.05 -23.23 -6.63
C LEU B 20 -31.78 -23.03 -8.13
N ALA B 21 -31.18 -24.04 -8.79
CA ALA B 21 -30.88 -23.95 -10.22
C ALA B 21 -32.15 -23.74 -11.06
N VAL B 22 -33.22 -24.44 -10.71
CA VAL B 22 -34.52 -24.26 -11.36
C VAL B 22 -35.15 -22.91 -11.01
N LYS B 23 -35.11 -22.54 -9.73
CA LYS B 23 -35.67 -21.26 -9.27
C LYS B 23 -34.99 -20.08 -9.97
N LEU B 24 -33.75 -20.29 -10.40
CA LEU B 24 -33.02 -19.27 -11.15
C LEU B 24 -33.24 -19.33 -12.65
N GLY B 25 -33.97 -20.34 -13.12
CA GLY B 25 -34.29 -20.49 -14.53
C GLY B 25 -33.15 -20.97 -15.43
N LEU B 26 -32.11 -21.53 -14.81
CA LEU B 26 -30.92 -21.94 -15.54
C LEU B 26 -31.10 -23.34 -16.13
N THR B 34 -29.97 -34.49 -12.37
CA THR B 34 -29.16 -35.21 -11.32
C THR B 34 -28.08 -34.33 -10.71
N CYS B 35 -27.85 -34.55 -9.41
CA CYS B 35 -26.94 -33.74 -8.64
C CYS B 35 -26.07 -34.58 -7.70
N GLN B 36 -24.76 -34.29 -7.71
CA GLN B 36 -23.81 -34.91 -6.79
C GLN B 36 -22.93 -33.82 -6.16
N GLU B 37 -22.73 -33.88 -4.85
CA GLU B 37 -21.75 -33.01 -4.18
C GLU B 37 -20.33 -33.58 -4.34
N ILE B 38 -19.46 -32.82 -5.00
CA ILE B 38 -18.14 -33.30 -5.46
C ILE B 38 -16.94 -32.54 -4.84
N GLY B 39 -17.22 -31.74 -3.81
CA GLY B 39 -16.22 -30.90 -3.16
C GLY B 39 -14.99 -31.60 -2.60
N ASP B 40 -13.82 -31.05 -2.90
CA ASP B 40 -12.54 -31.57 -2.43
C ASP B 40 -11.97 -30.73 -1.29
N GLY B 41 -12.77 -30.60 -0.23
CA GLY B 41 -12.40 -29.93 1.02
C GLY B 41 -13.64 -29.84 1.89
N ASN B 42 -13.47 -29.42 3.15
CA ASN B 42 -14.60 -29.38 4.09
C ASN B 42 -15.25 -28.01 4.33
N LEU B 43 -14.74 -26.95 3.70
CA LEU B 43 -15.30 -25.60 3.93
C LEU B 43 -16.32 -25.19 2.88
N ASN B 44 -16.37 -25.88 1.75
CA ASN B 44 -17.33 -25.56 0.71
C ASN B 44 -18.02 -26.80 0.19
N TYR B 45 -19.29 -26.66 -0.16
CA TYR B 45 -19.96 -27.67 -0.98
C TYR B 45 -19.86 -27.26 -2.43
N VAL B 46 -19.61 -28.23 -3.31
CA VAL B 46 -19.59 -27.99 -4.73
C VAL B 46 -20.59 -28.98 -5.36
N PHE B 47 -21.70 -28.45 -5.88
CA PHE B 47 -22.77 -29.26 -6.45
C PHE B 47 -22.73 -29.28 -7.97
N HIS B 48 -22.54 -30.46 -8.53
CA HIS B 48 -22.58 -30.65 -9.97
C HIS B 48 -23.98 -31.07 -10.38
N ILE B 49 -24.57 -30.31 -11.29
CA ILE B 49 -25.92 -30.55 -11.78
C ILE B 49 -25.86 -30.70 -13.30
N TYR B 50 -26.52 -31.73 -13.85
CA TYR B 50 -26.43 -32.02 -15.30
C TYR B 50 -27.78 -31.94 -16.03
N ARG B 56 -25.93 -30.30 -21.13
CA ARG B 56 -25.82 -29.07 -20.32
C ARG B 56 -25.68 -29.33 -18.80
N ALA B 57 -24.74 -28.61 -18.18
CA ALA B 57 -24.36 -28.82 -16.78
C ALA B 57 -24.06 -27.51 -16.06
N LEU B 58 -23.95 -27.59 -14.74
CA LEU B 58 -23.81 -26.41 -13.89
C LEU B 58 -23.06 -26.78 -12.62
N ILE B 59 -22.34 -25.80 -12.07
CA ILE B 59 -21.76 -25.96 -10.74
C ILE B 59 -22.39 -24.93 -9.79
N ILE B 60 -22.81 -25.40 -8.63
CA ILE B 60 -23.18 -24.48 -7.56
C ILE B 60 -22.25 -24.71 -6.35
N LYS B 61 -21.46 -23.69 -6.06
CA LYS B 61 -20.51 -23.72 -4.97
C LYS B 61 -21.13 -22.95 -3.81
N GLN B 62 -21.12 -23.54 -2.62
CA GLN B 62 -21.59 -22.83 -1.42
C GLN B 62 -20.63 -22.95 -0.24
N ALA B 63 -20.34 -21.81 0.38
CA ALA B 63 -19.51 -21.77 1.59
C ALA B 63 -20.29 -22.31 2.78
N VAL B 64 -19.63 -23.10 3.62
CA VAL B 64 -20.22 -23.57 4.88
C VAL B 64 -19.59 -22.83 6.07
N PRO B 65 -20.42 -22.40 7.04
CA PRO B 65 -19.92 -21.82 8.28
C PRO B 65 -19.14 -22.84 9.14
N PRO B 75 -11.47 -21.41 11.83
CA PRO B 75 -12.84 -20.92 11.59
C PRO B 75 -12.87 -19.68 10.69
N LEU B 76 -13.86 -19.67 9.81
CA LEU B 76 -13.87 -18.76 8.66
C LEU B 76 -15.25 -18.24 8.26
N THR B 77 -15.36 -16.92 8.14
CA THR B 77 -16.54 -16.22 7.63
C THR B 77 -17.01 -16.76 6.26
N ILE B 78 -18.31 -16.76 6.01
CA ILE B 78 -18.82 -17.11 4.69
C ILE B 78 -18.71 -15.93 3.70
N ASP B 79 -18.21 -14.78 4.19
CA ASP B 79 -17.99 -13.62 3.32
C ASP B 79 -16.98 -13.91 2.19
N ARG B 80 -16.15 -14.95 2.37
CA ARG B 80 -15.25 -15.40 1.30
C ARG B 80 -15.96 -15.71 -0.03
N ALA B 81 -17.22 -16.14 0.04
CA ALA B 81 -17.99 -16.41 -1.17
C ALA B 81 -18.29 -15.14 -1.96
N ARG B 82 -18.58 -14.04 -1.27
CA ARG B 82 -18.74 -12.75 -1.96
C ARG B 82 -17.44 -12.31 -2.67
N ILE B 83 -16.30 -12.44 -1.98
CA ILE B 83 -14.98 -12.18 -2.60
C ILE B 83 -14.76 -13.06 -3.84
N GLU B 84 -14.90 -14.39 -3.66
CA GLU B 84 -14.69 -15.33 -4.77
C GLU B 84 -15.53 -14.98 -6.01
N SER B 85 -16.83 -14.76 -5.83
CA SER B 85 -17.73 -14.44 -6.94
C SER B 85 -17.34 -13.14 -7.62
N SER B 86 -17.13 -12.11 -6.81
CA SER B 86 -16.78 -10.80 -7.32
C SER B 86 -15.46 -10.83 -8.07
N ALA B 87 -14.49 -11.54 -7.51
CA ALA B 87 -13.17 -11.69 -8.16
C ALA B 87 -13.26 -12.45 -9.48
N LEU B 88 -14.06 -13.51 -9.53
CA LEU B 88 -14.24 -14.30 -10.76
C LEU B 88 -14.88 -13.48 -11.85
N ILE B 89 -15.87 -12.66 -11.47
CA ILE B 89 -16.56 -11.81 -12.40
C ILE B 89 -15.60 -10.76 -12.97
N ARG B 90 -14.84 -10.09 -12.10
CA ARG B 90 -13.85 -9.09 -12.53
C ARG B 90 -12.81 -9.69 -13.46
N GLN B 91 -12.32 -10.89 -13.12
CA GLN B 91 -11.38 -11.62 -13.98
C GLN B 91 -12.01 -11.92 -15.34
N GLY B 92 -13.28 -12.31 -15.33
CA GLY B 92 -14.03 -12.58 -16.58
C GLY B 92 -14.18 -11.39 -17.50
N GLU B 93 -13.99 -10.17 -16.99
CA GLU B 93 -14.07 -8.96 -17.82
C GLU B 93 -12.86 -8.85 -18.72
N HIS B 94 -11.73 -9.40 -18.27
CA HIS B 94 -10.49 -9.27 -19.04
C HIS B 94 -9.99 -10.56 -19.68
N VAL B 95 -10.17 -11.68 -19.00
CA VAL B 95 -9.73 -12.97 -19.52
C VAL B 95 -10.87 -14.00 -19.43
N PRO B 96 -11.99 -13.80 -20.17
CA PRO B 96 -13.15 -14.66 -20.02
C PRO B 96 -12.86 -16.13 -20.41
N HIS B 97 -11.93 -16.33 -21.35
CA HIS B 97 -11.46 -17.66 -21.74
C HIS B 97 -10.61 -18.40 -20.71
N LEU B 98 -10.20 -17.71 -19.63
CA LEU B 98 -9.27 -18.28 -18.63
C LEU B 98 -9.85 -18.45 -17.22
N VAL B 99 -11.15 -18.23 -17.07
CA VAL B 99 -11.83 -18.39 -15.78
C VAL B 99 -13.21 -18.93 -16.11
N PRO B 100 -13.81 -19.71 -15.17
CA PRO B 100 -15.20 -20.17 -15.36
C PRO B 100 -16.16 -19.00 -15.41
N ARG B 101 -17.14 -19.07 -16.31
CA ARG B 101 -18.17 -18.04 -16.35
C ARG B 101 -19.05 -18.15 -15.12
N VAL B 102 -19.54 -17.02 -14.64
CA VAL B 102 -20.39 -16.98 -13.44
C VAL B 102 -21.78 -16.63 -13.91
N PHE B 103 -22.76 -17.43 -13.51
CA PHE B 103 -24.16 -17.18 -13.94
C PHE B 103 -25.00 -16.48 -12.88
N TYR B 104 -24.66 -16.71 -11.61
CA TYR B 104 -25.38 -16.09 -10.50
C TYR B 104 -24.49 -16.16 -9.28
N SER B 105 -24.67 -15.19 -8.39
CA SER B 105 -24.00 -15.22 -7.11
C SER B 105 -24.85 -14.52 -6.06
N ASP B 106 -24.68 -14.90 -4.80
CA ASP B 106 -25.47 -14.35 -3.70
C ASP B 106 -24.63 -14.36 -2.44
N THR B 107 -24.45 -13.19 -1.85
CA THR B 107 -23.70 -13.01 -0.63
C THR B 107 -24.36 -13.67 0.58
N GLU B 108 -25.65 -13.43 0.78
CA GLU B 108 -26.40 -13.99 1.93
C GLU B 108 -26.39 -15.52 1.95
N MET B 109 -26.67 -16.14 0.80
CA MET B 109 -26.61 -17.60 0.68
C MET B 109 -25.17 -18.13 0.51
N ALA B 110 -24.22 -17.22 0.32
CA ALA B 110 -22.80 -17.57 0.07
C ALA B 110 -22.61 -18.57 -1.10
N VAL B 111 -23.35 -18.34 -2.18
CA VAL B 111 -23.29 -19.21 -3.37
C VAL B 111 -22.72 -18.51 -4.60
N THR B 112 -21.97 -19.28 -5.39
CA THR B 112 -21.61 -18.92 -6.74
C THR B 112 -22.06 -20.05 -7.66
N VAL B 113 -22.82 -19.67 -8.68
CA VAL B 113 -23.30 -20.56 -9.73
C VAL B 113 -22.43 -20.29 -10.95
N MET B 114 -21.74 -21.34 -11.42
CA MET B 114 -20.69 -21.16 -12.42
C MET B 114 -20.61 -22.30 -13.43
N GLU B 115 -19.88 -22.02 -14.52
CA GLU B 115 -19.59 -22.98 -15.59
C GLU B 115 -19.02 -24.29 -15.03
N ASP B 116 -19.52 -25.40 -15.55
CA ASP B 116 -18.97 -26.70 -15.25
C ASP B 116 -17.68 -26.96 -16.02
N LEU B 117 -16.62 -27.30 -15.30
CA LEU B 117 -15.33 -27.60 -15.90
C LEU B 117 -14.85 -29.04 -15.61
N SER B 118 -15.83 -29.94 -15.44
CA SER B 118 -15.63 -31.37 -15.17
C SER B 118 -14.80 -32.14 -16.19
N HIS B 119 -14.74 -31.62 -17.42
CA HIS B 119 -14.01 -32.27 -18.51
C HIS B 119 -12.52 -31.99 -18.44
N LEU B 120 -12.12 -31.17 -17.46
CA LEU B 120 -10.72 -30.81 -17.19
C LEU B 120 -10.21 -31.47 -15.90
N LYS B 121 -8.90 -31.37 -15.69
CA LYS B 121 -8.23 -32.00 -14.54
C LYS B 121 -7.54 -30.90 -13.75
N ILE B 122 -7.51 -31.03 -12.42
CA ILE B 122 -6.74 -30.10 -11.58
C ILE B 122 -5.27 -30.22 -12.03
N ALA B 123 -4.61 -29.09 -12.33
CA ALA B 123 -3.26 -29.13 -12.93
C ALA B 123 -2.21 -29.82 -12.04
N ARG B 124 -2.26 -29.60 -10.72
CA ARG B 124 -1.34 -30.32 -9.83
C ARG B 124 -1.46 -31.84 -10.01
N LYS B 125 -2.68 -32.36 -9.98
CA LYS B 125 -2.90 -33.80 -10.21
C LYS B 125 -2.34 -34.27 -11.56
N GLY B 126 -2.63 -33.55 -12.64
CA GLY B 126 -2.12 -33.92 -13.96
C GLY B 126 -0.61 -33.90 -13.99
N LEU B 127 -0.02 -32.86 -13.42
CA LEU B 127 1.44 -32.72 -13.41
C LEU B 127 2.15 -33.85 -12.65
N ILE B 128 1.62 -34.25 -11.50
CA ILE B 128 2.10 -35.41 -10.75
C ILE B 128 1.96 -36.75 -11.52
N GLU B 129 0.88 -36.89 -12.29
CA GLU B 129 0.67 -38.04 -13.17
C GLU B 129 1.59 -38.04 -14.39
N GLY B 130 2.22 -36.89 -14.66
CA GLY B 130 3.17 -36.76 -15.74
C GLY B 130 2.69 -36.05 -17.00
N GLU B 131 1.46 -35.52 -16.98
CA GLU B 131 0.98 -34.61 -18.04
C GLU B 131 1.87 -33.38 -18.04
N ASN B 132 2.12 -32.82 -19.21
CA ASN B 132 3.06 -31.70 -19.27
C ASN B 132 2.43 -30.36 -19.63
N TYR B 133 1.18 -30.42 -20.12
CA TYR B 133 0.32 -29.24 -20.42
C TYR B 133 1.08 -28.15 -21.18
N PRO B 134 1.29 -28.35 -22.49
CA PRO B 134 2.18 -27.46 -23.26
C PRO B 134 1.80 -25.97 -23.20
N HIS B 135 0.52 -25.67 -22.99
CA HIS B 135 0.04 -24.27 -23.03
C HIS B 135 -0.22 -23.68 -21.66
N LEU B 136 0.03 -24.45 -20.61
CA LEU B 136 -0.25 -23.98 -19.25
C LEU B 136 0.42 -22.62 -18.96
N SER B 137 1.69 -22.51 -19.33
CA SER B 137 2.49 -21.30 -19.14
C SER B 137 2.02 -20.07 -19.86
N GLN B 138 1.72 -20.22 -21.17
CA GLN B 138 1.21 -19.14 -21.99
C GLN B 138 -0.13 -18.67 -21.44
N HIS B 139 -1.00 -19.62 -21.05
CA HIS B 139 -2.31 -19.27 -20.49
C HIS B 139 -2.22 -18.53 -19.16
N ILE B 140 -1.50 -19.10 -18.20
CA ILE B 140 -1.36 -18.45 -16.90
C ILE B 140 -0.61 -17.11 -17.00
N GLY B 141 0.38 -17.00 -17.89
CA GLY B 141 1.13 -15.76 -18.09
C GLY B 141 0.21 -14.64 -18.57
N GLU B 142 -0.69 -15.00 -19.48
CA GLU B 142 -1.74 -14.10 -19.97
C GLU B 142 -2.72 -13.71 -18.86
N PHE B 143 -3.20 -14.72 -18.12
CA PHE B 143 -4.01 -14.46 -16.91
C PHE B 143 -3.30 -13.51 -15.98
N LEU B 144 -2.02 -13.77 -15.69
CA LEU B 144 -1.27 -12.91 -14.76
C LEU B 144 -1.08 -11.49 -15.30
N GLY B 145 -0.60 -11.36 -16.53
CA GLY B 145 -0.40 -10.05 -17.13
C GLY B 145 -1.63 -9.17 -17.09
N LYS B 146 -2.78 -9.73 -17.49
CA LYS B 146 -4.01 -8.96 -17.64
C LYS B 146 -4.75 -8.73 -16.32
N THR B 147 -4.89 -9.77 -15.49
CA THR B 147 -5.62 -9.56 -14.24
C THR B 147 -4.86 -8.54 -13.40
N LEU B 148 -3.54 -8.69 -13.35
CA LEU B 148 -2.70 -7.82 -12.53
C LEU B 148 -2.60 -6.36 -13.09
N PHE B 149 -2.39 -6.18 -14.37
CA PHE B 149 -2.45 -4.81 -14.90
C PHE B 149 -3.80 -4.07 -14.69
N TYR B 150 -4.90 -4.72 -15.03
CA TYR B 150 -6.16 -4.01 -15.31
C TYR B 150 -6.95 -3.62 -14.06
N SER B 151 -6.45 -4.04 -12.92
CA SER B 151 -7.00 -3.65 -11.64
C SER B 151 -6.00 -2.77 -10.84
N SER B 152 -4.89 -2.36 -11.47
CA SER B 152 -3.90 -1.49 -10.83
C SER B 152 -4.19 0.00 -11.02
N ASP B 153 -3.43 0.84 -10.33
CA ASP B 153 -3.46 2.31 -10.56
C ASP B 153 -2.97 2.64 -11.97
N TYR B 154 -2.25 1.73 -12.60
CA TYR B 154 -1.76 2.00 -13.97
C TYR B 154 -2.93 2.04 -14.95
N ALA B 155 -3.93 1.19 -14.72
CA ALA B 155 -5.07 1.00 -15.61
C ALA B 155 -6.34 1.76 -15.21
N LEU B 156 -6.45 2.10 -13.92
CA LEU B 156 -7.67 2.62 -13.32
C LEU B 156 -7.46 4.01 -12.73
N GLU B 157 -8.48 4.85 -12.82
CA GLU B 157 -8.49 6.13 -12.10
C GLU B 157 -8.28 5.82 -10.61
N PRO B 158 -7.42 6.58 -9.92
CA PRO B 158 -7.14 6.25 -8.51
C PRO B 158 -8.38 6.24 -7.62
N LYS B 159 -9.33 7.12 -7.88
CA LYS B 159 -10.59 7.17 -7.11
C LYS B 159 -11.37 5.86 -7.23
N VAL B 160 -11.41 5.30 -8.43
CA VAL B 160 -12.06 4.01 -8.71
C VAL B 160 -11.35 2.86 -8.03
N LYS B 161 -10.03 2.82 -8.19
CA LYS B 161 -9.21 1.76 -7.58
C LYS B 161 -9.40 1.75 -6.06
N LYS B 162 -9.43 2.93 -5.45
CA LYS B 162 -9.60 3.05 -4.01
C LYS B 162 -10.93 2.45 -3.49
N GLN B 163 -11.99 2.55 -4.29
CA GLN B 163 -13.29 1.92 -3.96
C GLN B 163 -13.16 0.39 -4.06
N LEU B 164 -12.42 -0.07 -5.06
CA LEU B 164 -12.17 -1.50 -5.23
C LEU B 164 -11.35 -2.09 -4.09
N VAL B 165 -10.38 -1.32 -3.62
CA VAL B 165 -9.61 -1.73 -2.43
C VAL B 165 -10.54 -2.05 -1.24
N LYS B 166 -11.51 -1.16 -0.99
CA LYS B 166 -12.49 -1.36 0.09
C LYS B 166 -13.31 -2.62 -0.14
N GLN B 167 -13.84 -2.73 -1.35
CA GLN B 167 -14.72 -3.82 -1.77
C GLN B 167 -14.05 -5.20 -1.65
N PHE B 168 -12.74 -5.24 -1.89
CA PHE B 168 -12.02 -6.51 -1.87
C PHE B 168 -11.16 -6.72 -0.64
N THR B 169 -11.29 -5.84 0.35
CA THR B 169 -10.64 -6.06 1.64
C THR B 169 -11.08 -7.43 2.16
N ASN B 170 -10.10 -8.24 2.58
CA ASN B 170 -10.31 -9.66 2.88
C ASN B 170 -9.52 -10.07 4.12
N PRO B 171 -9.92 -9.57 5.30
CA PRO B 171 -9.10 -9.68 6.51
C PRO B 171 -8.82 -11.10 7.01
N GLU B 172 -9.81 -11.99 6.89
CA GLU B 172 -9.66 -13.34 7.44
C GLU B 172 -8.81 -14.22 6.57
N LEU B 173 -9.00 -14.11 5.26
CA LEU B 173 -8.22 -14.91 4.33
C LEU B 173 -6.79 -14.40 4.27
N CYS B 174 -6.62 -13.07 4.27
CA CYS B 174 -5.30 -12.45 4.34
C CYS B 174 -4.56 -12.89 5.57
N ASP B 175 -5.30 -13.07 6.67
CA ASP B 175 -4.72 -13.53 7.95
C ASP B 175 -4.08 -14.93 7.83
N ILE B 176 -4.74 -15.81 7.08
CA ILE B 176 -4.23 -17.16 6.88
C ILE B 176 -2.91 -17.05 6.13
N THR B 177 -2.87 -16.25 5.06
CA THR B 177 -1.65 -16.12 4.31
C THR B 177 -0.53 -15.44 5.08
N GLU B 178 -0.85 -14.40 5.85
CA GLU B 178 0.13 -13.63 6.60
C GLU B 178 0.83 -14.55 7.61
N ARG B 179 0.04 -15.43 8.21
CA ARG B 179 0.54 -16.44 9.15
C ARG B 179 1.26 -17.60 8.46
N LEU B 180 0.60 -18.24 7.49
CA LEU B 180 1.12 -19.50 6.90
C LEU B 180 2.23 -19.32 5.86
N VAL B 181 2.09 -18.33 4.99
CA VAL B 181 3.15 -18.08 4.00
C VAL B 181 4.34 -17.33 4.57
N PHE B 182 4.07 -16.35 5.45
CA PHE B 182 5.07 -15.34 5.81
C PHE B 182 5.67 -15.39 7.21
N THR B 183 5.08 -16.19 8.09
CA THR B 183 5.48 -16.15 9.50
C THR B 183 5.83 -17.51 10.11
N ASP B 184 4.85 -18.41 10.16
CA ASP B 184 4.96 -19.62 10.96
C ASP B 184 6.12 -20.57 10.59
N PRO B 185 6.38 -20.76 9.28
CA PRO B 185 7.51 -21.64 8.91
C PRO B 185 8.87 -21.14 9.36
N PHE B 186 8.99 -19.84 9.60
CA PHE B 186 10.27 -19.22 9.95
C PHE B 186 10.59 -19.23 11.45
N PHE B 187 9.66 -19.78 12.24
CA PHE B 187 9.78 -19.89 13.67
C PHE B 187 9.29 -21.28 14.12
N ASP B 188 9.56 -21.63 15.37
CA ASP B 188 9.01 -22.85 15.94
C ASP B 188 7.55 -22.66 16.40
N HIS B 189 6.65 -22.60 15.44
CA HIS B 189 5.24 -22.30 15.71
C HIS B 189 4.37 -23.55 15.57
N ASP B 190 3.24 -23.55 16.27
CA ASP B 190 2.39 -24.71 16.40
C ASP B 190 1.81 -25.25 15.07
N THR B 191 1.67 -24.38 14.07
CA THR B 191 1.02 -24.81 12.81
C THR B 191 1.92 -25.62 11.87
N ASN B 192 3.23 -25.61 12.13
CA ASN B 192 4.20 -26.23 11.23
C ASN B 192 4.03 -27.74 11.28
N ASP B 193 4.42 -28.42 10.21
CA ASP B 193 4.21 -29.86 10.15
C ASP B 193 5.31 -30.40 9.26
N PHE B 194 6.32 -31.00 9.88
CA PHE B 194 7.44 -31.55 9.13
C PHE B 194 7.98 -32.83 9.77
N GLU B 195 8.64 -33.66 8.95
CA GLU B 195 9.28 -34.88 9.44
C GLU B 195 10.47 -34.49 10.29
N GLU B 196 10.68 -35.26 11.35
CA GLU B 196 11.78 -35.10 12.28
C GLU B 196 13.17 -35.16 11.59
N GLU B 197 13.31 -35.99 10.56
CA GLU B 197 14.55 -36.09 9.79
C GLU B 197 14.92 -34.76 9.14
N LEU B 198 13.91 -33.91 8.97
CA LEU B 198 14.08 -32.59 8.38
C LEU B 198 14.51 -31.53 9.40
N ARG B 199 14.27 -31.80 10.69
CA ARG B 199 14.60 -30.84 11.77
C ARG B 199 15.96 -30.11 11.68
N PRO B 200 17.06 -30.84 11.42
CA PRO B 200 18.32 -30.07 11.39
C PRO B 200 18.28 -28.92 10.39
N PHE B 201 17.65 -29.13 9.24
CA PHE B 201 17.60 -28.10 8.20
C PHE B 201 16.54 -27.02 8.46
N VAL B 202 15.49 -27.41 9.18
CA VAL B 202 14.46 -26.48 9.63
C VAL B 202 15.08 -25.52 10.64
N GLU B 203 15.80 -26.07 11.63
CA GLU B 203 16.46 -25.27 12.66
C GLU B 203 17.51 -24.32 12.08
N LYS B 204 18.10 -24.69 10.95
CA LYS B 204 19.03 -23.81 10.23
C LYS B 204 18.30 -22.60 9.66
N LEU B 205 17.07 -22.80 9.22
CA LEU B 205 16.29 -21.67 8.74
C LEU B 205 15.87 -20.77 9.89
N TRP B 206 15.36 -21.37 10.96
CA TRP B 206 14.93 -20.60 12.13
C TRP B 206 16.06 -19.72 12.71
N ASN B 207 17.29 -20.19 12.57
CA ASN B 207 18.47 -19.52 13.14
C ASN B 207 19.11 -18.50 12.20
N ASN B 208 18.57 -18.40 10.98
CA ASN B 208 19.10 -17.56 9.94
C ASN B 208 18.47 -16.16 10.02
N ASP B 209 19.09 -15.28 10.79
CA ASP B 209 18.61 -13.89 10.96
C ASP B 209 18.39 -13.17 9.64
N SER B 210 19.36 -13.25 8.73
CA SER B 210 19.31 -12.42 7.52
C SER B 210 18.17 -12.82 6.55
N VAL B 211 17.87 -14.12 6.49
CA VAL B 211 16.77 -14.61 5.66
C VAL B 211 15.43 -14.19 6.28
N LYS B 212 15.35 -14.27 7.60
CA LYS B 212 14.11 -13.93 8.29
C LYS B 212 13.78 -12.43 8.21
N ILE B 213 14.80 -11.59 8.25
CA ILE B 213 14.65 -10.15 8.00
C ILE B 213 14.06 -9.89 6.62
N GLU B 214 14.50 -10.66 5.63
CA GLU B 214 14.02 -10.55 4.27
C GLU B 214 12.57 -11.09 4.12
N ALA B 215 12.26 -12.18 4.82
CA ALA B 215 10.88 -12.67 4.88
C ALA B 215 9.96 -11.62 5.54
N ALA B 216 10.44 -10.99 6.60
CA ALA B 216 9.76 -9.87 7.25
C ALA B 216 9.39 -8.75 6.26
N LYS B 217 10.36 -8.32 5.44
CA LYS B 217 10.16 -7.26 4.44
C LYS B 217 9.10 -7.66 3.42
N LEU B 218 9.16 -8.93 2.98
CA LEU B 218 8.18 -9.45 2.00
C LEU B 218 6.78 -9.55 2.63
N LYS B 219 6.71 -9.95 3.90
CA LYS B 219 5.44 -9.93 4.64
C LYS B 219 4.87 -8.51 4.77
N LYS B 220 5.73 -7.56 5.12
CA LYS B 220 5.33 -6.15 5.20
C LYS B 220 4.81 -5.63 3.85
N SER B 221 5.42 -6.06 2.74
CA SER B 221 4.89 -5.70 1.41
C SER B 221 3.51 -6.36 1.19
N PHE B 222 3.37 -7.65 1.50
CA PHE B 222 2.04 -8.30 1.45
C PHE B 222 0.97 -7.54 2.29
N LEU B 223 1.34 -7.15 3.51
CA LEU B 223 0.47 -6.35 4.40
C LEU B 223 0.12 -4.95 3.95
N THR B 224 0.96 -4.31 3.13
CA THR B 224 0.83 -2.87 2.88
C THR B 224 0.71 -2.44 1.41
N SER B 225 1.25 -3.24 0.50
CA SER B 225 1.39 -2.79 -0.89
C SER B 225 0.14 -3.12 -1.68
N ALA B 226 -0.81 -2.17 -1.75
CA ALA B 226 -2.11 -2.37 -2.38
C ALA B 226 -2.05 -1.97 -3.85
N GLU B 227 -1.33 -2.78 -4.62
CA GLU B 227 -1.03 -2.48 -6.02
C GLU B 227 -2.11 -2.87 -6.99
N THR B 228 -2.68 -4.06 -6.81
CA THR B 228 -3.72 -4.56 -7.71
C THR B 228 -4.57 -5.58 -7.00
N LEU B 229 -5.66 -5.96 -7.65
CA LEU B 229 -6.45 -7.08 -7.18
C LEU B 229 -5.77 -8.36 -7.61
N ILE B 230 -5.32 -9.12 -6.62
CA ILE B 230 -4.59 -10.36 -6.84
C ILE B 230 -5.54 -11.54 -6.57
N HIS B 231 -5.15 -12.74 -7.02
CA HIS B 231 -5.92 -13.96 -6.86
C HIS B 231 -5.70 -14.44 -5.43
N GLY B 232 -4.44 -14.39 -4.99
CA GLY B 232 -4.05 -14.63 -3.61
C GLY B 232 -3.76 -16.06 -3.20
N ASP B 233 -4.01 -17.02 -4.08
CA ASP B 233 -3.71 -18.45 -3.80
C ASP B 233 -3.53 -19.18 -5.15
N LEU B 234 -2.71 -18.60 -6.03
CA LEU B 234 -2.60 -19.17 -7.37
C LEU B 234 -1.55 -20.30 -7.43
N HIS B 235 -1.89 -21.44 -6.83
CA HIS B 235 -1.06 -22.66 -6.94
C HIS B 235 -1.64 -23.59 -8.03
N THR B 236 -0.95 -24.68 -8.31
CA THR B 236 -1.36 -25.61 -9.36
C THR B 236 -2.63 -26.41 -9.02
N GLY B 237 -2.99 -26.45 -7.75
CA GLY B 237 -4.26 -27.04 -7.36
C GLY B 237 -5.44 -26.10 -7.52
N SER B 238 -5.19 -24.93 -8.10
CA SER B 238 -6.20 -23.90 -8.21
C SER B 238 -6.46 -23.59 -9.70
N ILE B 239 -6.09 -24.55 -10.53
CA ILE B 239 -6.11 -24.42 -11.99
C ILE B 239 -6.66 -25.73 -12.53
N PHE B 240 -7.63 -25.63 -13.44
CA PHE B 240 -8.08 -26.75 -14.26
C PHE B 240 -7.31 -26.70 -15.60
N ALA B 241 -6.91 -27.89 -16.06
CA ALA B 241 -6.07 -28.00 -17.24
C ALA B 241 -6.44 -29.21 -18.11
N SER B 242 -6.30 -29.02 -19.41
CA SER B 242 -6.13 -30.12 -20.34
C SER B 242 -5.06 -29.67 -21.31
N GLU B 243 -4.75 -30.50 -22.30
CA GLU B 243 -3.78 -30.15 -23.34
C GLU B 243 -3.98 -28.76 -23.94
N HIS B 244 -5.25 -28.38 -24.17
CA HIS B 244 -5.58 -27.18 -24.94
C HIS B 244 -6.24 -26.04 -24.18
N GLU B 245 -6.66 -26.30 -22.94
CA GLU B 245 -7.44 -25.35 -22.18
C GLU B 245 -6.83 -25.18 -20.78
N THR B 246 -6.96 -23.98 -20.23
CA THR B 246 -6.55 -23.69 -18.85
C THR B 246 -7.63 -22.77 -18.26
N LYS B 247 -8.05 -23.04 -17.02
CA LYS B 247 -8.98 -22.17 -16.30
C LYS B 247 -8.49 -22.00 -14.87
N VAL B 248 -8.37 -20.74 -14.42
CA VAL B 248 -8.03 -20.48 -13.02
C VAL B 248 -9.30 -20.38 -12.14
N ILE B 249 -9.28 -21.08 -11.00
CA ILE B 249 -10.45 -21.12 -10.11
C ILE B 249 -10.10 -20.65 -8.69
N ASP B 250 -11.16 -20.52 -7.90
CA ASP B 250 -11.10 -20.28 -6.46
C ASP B 250 -10.31 -19.02 -6.02
N PRO B 251 -10.66 -17.82 -6.53
CA PRO B 251 -10.03 -16.59 -6.06
C PRO B 251 -10.62 -16.05 -4.74
N GLU B 252 -10.83 -16.93 -3.77
CA GLU B 252 -11.32 -16.60 -2.43
C GLU B 252 -10.41 -15.70 -1.60
N PHE B 253 -9.10 -15.83 -1.84
CA PHE B 253 -8.07 -15.05 -1.15
C PHE B 253 -7.82 -13.65 -1.77
N ALA B 254 -8.58 -13.32 -2.81
CA ALA B 254 -8.42 -12.07 -3.54
C ALA B 254 -8.48 -10.83 -2.65
N PHE B 255 -7.58 -9.89 -2.91
CA PHE B 255 -7.55 -8.60 -2.24
C PHE B 255 -6.56 -7.71 -2.96
N TYR B 256 -6.42 -6.47 -2.51
CA TYR B 256 -5.40 -5.58 -3.04
C TYR B 256 -4.05 -5.77 -2.39
N GLY B 257 -3.14 -6.38 -3.15
CA GLY B 257 -1.82 -6.80 -2.65
C GLY B 257 -0.76 -6.60 -3.72
N PRO B 258 0.48 -7.06 -3.47
CA PRO B 258 1.59 -6.83 -4.42
C PRO B 258 1.43 -7.58 -5.76
N ILE B 259 1.67 -6.89 -6.86
CA ILE B 259 1.65 -7.50 -8.19
C ILE B 259 2.47 -8.80 -8.27
N GLY B 260 3.64 -8.85 -7.63
CA GLY B 260 4.53 -10.01 -7.73
C GLY B 260 4.03 -11.28 -7.05
N PHE B 261 3.05 -11.14 -6.15
CA PHE B 261 2.61 -12.29 -5.32
C PHE B 261 2.06 -13.53 -6.07
N ASP B 262 1.06 -13.34 -6.93
CA ASP B 262 0.47 -14.46 -7.69
C ASP B 262 1.53 -15.08 -8.60
N VAL B 263 2.34 -14.23 -9.24
CA VAL B 263 3.43 -14.69 -10.11
C VAL B 263 4.39 -15.61 -9.34
N GLY B 264 4.80 -15.16 -8.16
CA GLY B 264 5.73 -15.92 -7.34
C GLY B 264 5.15 -17.25 -6.83
N GLN B 265 3.91 -17.23 -6.33
CA GLN B 265 3.28 -18.47 -5.88
C GLN B 265 3.14 -19.48 -6.99
N PHE B 266 2.71 -19.03 -8.16
CA PHE B 266 2.61 -19.97 -9.26
C PHE B 266 3.98 -20.57 -9.62
N ILE B 267 4.97 -19.72 -9.87
CA ILE B 267 6.31 -20.20 -10.18
C ILE B 267 6.82 -21.20 -9.15
N ALA B 268 6.66 -20.88 -7.87
CA ALA B 268 7.09 -21.80 -6.81
C ALA B 268 6.43 -23.16 -6.97
N ASN B 269 5.15 -23.18 -7.33
CA ASN B 269 4.45 -24.47 -7.51
C ASN B 269 4.89 -25.29 -8.71
N LEU B 270 5.40 -24.59 -9.73
CA LEU B 270 6.08 -25.26 -10.85
C LEU B 270 7.41 -25.87 -10.39
N PHE B 271 8.15 -25.14 -9.56
CA PHE B 271 9.39 -25.66 -9.03
C PHE B 271 9.15 -26.82 -8.07
N LEU B 272 8.07 -26.76 -7.29
CA LEU B 272 7.70 -27.88 -6.41
C LEU B 272 7.42 -29.16 -7.21
N ASN B 273 6.76 -29.04 -8.35
CA ASN B 273 6.56 -30.20 -9.18
C ASN B 273 7.87 -30.70 -9.77
N ALA B 274 8.74 -29.79 -10.23
CA ALA B 274 10.06 -30.19 -10.73
C ALA B 274 10.82 -31.03 -9.69
N LEU B 275 10.76 -30.61 -8.43
CA LEU B 275 11.41 -31.37 -7.36
C LEU B 275 10.85 -32.77 -7.13
N SER B 276 9.57 -32.98 -7.49
CA SER B 276 8.96 -34.31 -7.35
C SER B 276 9.31 -35.23 -8.55
N ARG B 277 9.83 -34.62 -9.61
CA ARG B 277 10.29 -35.36 -10.77
C ARG B 277 11.82 -35.55 -10.72
N ASP B 278 12.33 -36.39 -11.63
CA ASP B 278 13.74 -36.70 -11.72
C ASP B 278 14.29 -36.39 -13.12
N GLY B 279 15.54 -35.92 -13.16
CA GLY B 279 16.31 -35.81 -14.40
C GLY B 279 15.63 -35.02 -15.51
N ALA B 280 15.60 -35.61 -16.70
CA ALA B 280 15.06 -34.97 -17.89
C ALA B 280 13.55 -34.73 -17.82
N ASP B 281 12.88 -35.42 -16.92
CA ASP B 281 11.45 -35.27 -16.79
C ASP B 281 11.09 -33.89 -16.16
N ARG B 282 12.08 -33.25 -15.54
CA ARG B 282 11.91 -31.90 -14.97
C ARG B 282 11.81 -30.78 -16.03
N GLU B 283 12.33 -31.05 -17.23
CA GLU B 283 12.48 -29.99 -18.24
C GLU B 283 11.20 -29.23 -18.60
N PRO B 284 10.06 -29.95 -18.75
CA PRO B 284 8.80 -29.24 -19.05
C PRO B 284 8.41 -28.18 -18.02
N LEU B 285 8.77 -28.42 -16.77
CA LEU B 285 8.46 -27.50 -15.68
C LEU B 285 9.35 -26.26 -15.70
N TYR B 286 10.64 -26.46 -15.97
CA TYR B 286 11.57 -25.37 -16.14
C TYR B 286 11.16 -24.53 -17.35
N GLU B 287 10.73 -25.21 -18.41
CA GLU B 287 10.21 -24.51 -19.58
C GLU B 287 9.00 -23.63 -19.24
N HIS B 288 8.12 -24.18 -18.39
CA HIS B 288 6.95 -23.45 -17.89
C HIS B 288 7.30 -22.21 -17.05
N VAL B 289 8.26 -22.35 -16.15
CA VAL B 289 8.74 -21.23 -15.37
C VAL B 289 9.25 -20.11 -16.30
N ASN B 290 10.10 -20.46 -17.26
CA ASN B 290 10.58 -19.48 -18.23
C ASN B 290 9.43 -18.81 -19.01
N GLN B 291 8.53 -19.63 -19.55
CA GLN B 291 7.41 -19.14 -20.41
C GLN B 291 6.40 -18.28 -19.63
N VAL B 292 6.14 -18.62 -18.37
CA VAL B 292 5.15 -17.87 -17.60
C VAL B 292 5.70 -16.50 -17.30
N TRP B 293 6.97 -16.40 -16.89
CA TRP B 293 7.56 -15.05 -16.70
C TRP B 293 7.57 -14.24 -18.00
N GLU B 294 8.10 -14.82 -19.07
CA GLU B 294 8.10 -14.22 -20.42
C GLU B 294 6.73 -13.71 -20.88
N THR B 295 5.73 -14.58 -20.79
CA THR B 295 4.37 -14.24 -21.17
C THR B 295 3.81 -13.18 -20.21
N PHE B 296 4.02 -13.36 -18.91
CA PHE B 296 3.61 -12.30 -17.99
C PHE B 296 4.18 -10.93 -18.42
N GLU B 297 5.51 -10.89 -18.61
CA GLU B 297 6.19 -9.62 -18.91
C GLU B 297 5.68 -9.00 -20.20
N GLU B 298 5.51 -9.84 -21.21
CA GLU B 298 5.03 -9.39 -22.51
C GLU B 298 3.58 -8.89 -22.44
N THR B 299 2.72 -9.61 -21.72
CA THR B 299 1.29 -9.28 -21.61
C THR B 299 1.09 -7.99 -20.84
N PHE B 300 1.75 -7.88 -19.69
CA PHE B 300 1.74 -6.68 -18.84
C PHE B 300 2.28 -5.48 -19.60
N SER B 301 3.34 -5.70 -20.39
CA SER B 301 3.96 -4.60 -21.13
C SER B 301 3.04 -4.13 -22.23
N GLU B 302 2.38 -5.06 -22.91
CA GLU B 302 1.42 -4.72 -23.98
C GLU B 302 0.23 -3.93 -23.44
N ALA B 303 -0.26 -4.33 -22.28
CA ALA B 303 -1.37 -3.66 -21.63
C ALA B 303 -1.00 -2.26 -21.16
N TRP B 304 0.19 -2.13 -20.58
CA TRP B 304 0.75 -0.86 -20.13
C TRP B 304 0.86 0.12 -21.28
N GLN B 305 1.39 -0.37 -22.41
CA GLN B 305 1.58 0.43 -23.61
C GLN B 305 0.25 0.97 -24.17
N LYS B 306 -0.76 0.09 -24.24
CA LYS B 306 -2.10 0.38 -24.74
C LYS B 306 -3.06 1.05 -23.75
N ASP B 307 -2.96 0.73 -22.47
CA ASP B 307 -4.06 1.05 -21.58
C ASP B 307 -3.69 1.78 -20.32
N SER B 308 -2.48 2.29 -20.26
CA SER B 308 -2.08 3.03 -19.06
C SER B 308 -2.67 4.46 -19.11
N LEU B 309 -3.10 4.94 -17.94
CA LEU B 309 -3.73 6.26 -17.80
C LEU B 309 -2.72 7.29 -17.30
N ASP B 310 -1.55 6.77 -16.95
CA ASP B 310 -0.48 7.46 -16.27
C ASP B 310 0.30 8.30 -17.27
N VAL B 311 0.52 9.58 -16.94
CA VAL B 311 1.33 10.49 -17.77
C VAL B 311 2.81 10.10 -17.80
N TYR B 312 3.26 9.36 -16.79
CA TYR B 312 4.63 8.85 -16.77
C TYR B 312 4.85 7.55 -17.55
N ALA B 313 3.78 6.87 -17.93
CA ALA B 313 3.85 5.51 -18.50
C ALA B 313 4.88 5.36 -19.61
N ASN B 314 4.97 6.38 -20.45
CA ASN B 314 5.78 6.31 -21.65
C ASN B 314 7.18 6.90 -21.59
N ILE B 315 7.68 7.19 -20.39
CA ILE B 315 9.05 7.64 -20.23
C ILE B 315 9.92 6.40 -20.23
N ASP B 316 10.95 6.38 -21.06
CA ASP B 316 11.75 5.18 -21.26
C ASP B 316 12.49 4.84 -19.98
N GLY B 317 12.34 3.57 -19.56
CA GLY B 317 12.93 3.12 -18.32
C GLY B 317 11.92 2.84 -17.24
N TYR B 318 10.78 3.54 -17.25
CA TYR B 318 9.81 3.39 -16.17
C TYR B 318 9.11 2.02 -16.12
N LEU B 319 8.57 1.56 -17.24
CA LEU B 319 8.07 0.18 -17.35
C LEU B 319 9.15 -0.84 -16.99
N THR B 320 10.36 -0.68 -17.54
CA THR B 320 11.47 -1.58 -17.24
C THR B 320 11.76 -1.69 -15.74
N ASP B 321 11.89 -0.54 -15.05
CA ASP B 321 12.10 -0.54 -13.61
C ASP B 321 10.90 -1.14 -12.86
N THR B 322 9.69 -0.89 -13.36
CA THR B 322 8.47 -1.44 -12.75
C THR B 322 8.54 -2.97 -12.79
N LEU B 323 8.83 -3.53 -13.96
CA LEU B 323 9.00 -4.95 -14.15
C LEU B 323 10.10 -5.57 -13.28
N SER B 324 11.21 -4.84 -13.09
CA SER B 324 12.33 -5.37 -12.29
C SER B 324 11.91 -5.52 -10.85
N HIS B 325 11.15 -4.55 -10.35
CA HIS B 325 10.65 -4.63 -8.97
C HIS B 325 9.63 -5.77 -8.78
N ILE B 326 8.72 -5.94 -9.74
CA ILE B 326 7.74 -7.03 -9.73
C ILE B 326 8.45 -8.38 -9.68
N PHE B 327 9.45 -8.52 -10.56
CA PHE B 327 10.31 -9.71 -10.70
C PHE B 327 10.98 -10.02 -9.38
N GLU B 328 11.65 -9.02 -8.82
CA GLU B 328 12.32 -9.16 -7.54
C GLU B 328 11.37 -9.69 -6.45
N GLU B 329 10.20 -9.06 -6.31
CA GLU B 329 9.22 -9.50 -5.32
C GLU B 329 8.67 -10.88 -5.60
N ALA B 330 8.36 -11.14 -6.88
CA ALA B 330 7.87 -12.45 -7.30
C ALA B 330 8.80 -13.57 -6.85
N ILE B 331 10.11 -13.37 -7.05
CA ILE B 331 11.12 -14.37 -6.69
C ILE B 331 11.14 -14.57 -5.17
N GLY B 332 11.04 -13.45 -4.43
CA GLY B 332 11.00 -13.45 -2.97
C GLY B 332 9.76 -14.21 -2.47
N PHE B 333 8.61 -13.93 -3.09
CA PHE B 333 7.36 -14.63 -2.76
C PHE B 333 7.41 -16.11 -3.18
N ALA B 334 8.08 -16.43 -4.29
CA ALA B 334 8.30 -17.83 -4.67
C ALA B 334 9.09 -18.59 -3.59
N GLY B 335 10.11 -17.94 -3.04
CA GLY B 335 10.90 -18.51 -1.93
C GLY B 335 10.09 -18.85 -0.69
N CYS B 336 9.21 -17.93 -0.28
CA CYS B 336 8.32 -18.19 0.86
C CYS B 336 7.38 -19.35 0.56
N GLU B 337 6.87 -19.45 -0.68
CA GLU B 337 5.93 -20.53 -1.02
C GLU B 337 6.65 -21.88 -1.07
N LEU B 338 7.88 -21.91 -1.57
CA LEU B 338 8.69 -23.12 -1.56
C LEU B 338 8.84 -23.63 -0.14
N ILE B 339 9.23 -22.73 0.78
CA ILE B 339 9.48 -23.10 2.19
C ILE B 339 8.21 -23.51 2.94
N ARG B 340 7.20 -22.63 2.90
CA ARG B 340 5.84 -22.79 3.45
C ARG B 340 5.17 -24.11 3.06
N ARG B 341 5.33 -24.53 1.81
CA ARG B 341 4.66 -25.77 1.36
C ARG B 341 5.34 -27.03 1.89
N THR B 342 6.60 -26.87 2.31
CA THR B 342 7.47 -27.99 2.66
C THR B 342 7.34 -28.30 4.13
N ILE B 343 7.31 -27.26 4.96
CA ILE B 343 7.35 -27.47 6.40
C ILE B 343 6.20 -26.88 7.19
N GLY B 344 5.30 -26.18 6.52
CA GLY B 344 4.20 -25.51 7.23
C GLY B 344 2.98 -26.40 7.32
N LEU B 345 1.87 -25.80 7.75
CA LEU B 345 0.59 -26.49 7.93
C LEU B 345 0.04 -27.12 6.64
N ALA B 346 0.09 -26.37 5.53
CA ALA B 346 -0.52 -26.77 4.26
C ALA B 346 0.55 -27.26 3.29
N HIS B 347 0.62 -28.57 3.12
CA HIS B 347 1.64 -29.18 2.27
C HIS B 347 1.15 -29.28 0.83
N VAL B 348 2.02 -29.71 -0.08
CA VAL B 348 1.66 -30.04 -1.48
C VAL B 348 1.86 -31.53 -1.73
N ALA B 349 0.96 -32.13 -2.52
CA ALA B 349 1.07 -33.55 -2.86
C ALA B 349 2.34 -33.90 -3.64
N ASP B 350 2.87 -32.94 -4.42
CA ASP B 350 4.11 -33.14 -5.20
C ASP B 350 5.23 -33.67 -4.30
N LEU B 351 5.38 -33.03 -3.16
CA LEU B 351 6.42 -33.38 -2.23
C LEU B 351 6.06 -34.55 -1.31
N ASP B 352 4.86 -34.51 -0.72
CA ASP B 352 4.45 -35.52 0.25
C ASP B 352 4.34 -36.93 -0.34
N THR B 353 4.10 -37.05 -1.64
CA THR B 353 3.94 -38.39 -2.24
C THR B 353 5.23 -38.92 -2.88
N ILE B 354 6.34 -38.18 -2.76
CA ILE B 354 7.65 -38.68 -3.23
C ILE B 354 8.04 -39.95 -2.46
N VAL B 355 8.47 -40.97 -3.19
CA VAL B 355 8.98 -42.20 -2.55
C VAL B 355 10.36 -42.53 -3.12
N PRO B 356 11.22 -43.19 -2.33
CA PRO B 356 11.05 -43.65 -0.94
C PRO B 356 11.13 -42.50 0.07
N PHE B 357 10.96 -42.81 1.36
CA PHE B 357 11.05 -41.80 2.44
C PHE B 357 12.18 -40.79 2.13
N ASP B 358 13.37 -41.23 1.72
CA ASP B 358 14.62 -40.85 2.34
C ASP B 358 14.88 -39.84 1.19
N LYS B 359 14.36 -40.19 0.01
CA LYS B 359 14.33 -39.31 -1.16
C LYS B 359 13.40 -38.09 -0.96
N ARG B 360 12.22 -38.33 -0.39
CA ARG B 360 11.31 -37.29 0.04
C ARG B 360 12.00 -36.29 0.96
N ILE B 361 12.67 -36.78 2.00
CA ILE B 361 13.37 -35.88 2.91
C ILE B 361 14.42 -35.05 2.15
N GLY B 362 15.14 -35.69 1.24
CA GLY B 362 16.19 -35.00 0.46
C GLY B 362 15.60 -33.91 -0.43
N ARG B 363 14.49 -34.20 -1.10
CA ARG B 363 13.83 -33.23 -1.95
C ARG B 363 13.21 -32.08 -1.15
N LYS B 364 12.69 -32.37 0.04
CA LYS B 364 12.15 -31.35 0.94
C LYS B 364 13.27 -30.44 1.50
N ARG B 365 14.45 -30.99 1.73
CA ARG B 365 15.60 -30.18 2.14
C ARG B 365 15.97 -29.20 1.03
N LEU B 366 15.91 -29.67 -0.21
CA LEU B 366 16.16 -28.80 -1.37
C LEU B 366 15.12 -27.70 -1.61
N ALA B 367 13.84 -27.99 -1.34
CA ALA B 367 12.79 -26.95 -1.40
C ALA B 367 13.05 -25.83 -0.37
N LEU B 368 13.50 -26.22 0.83
CA LEU B 368 13.92 -25.24 1.85
C LEU B 368 15.14 -24.41 1.45
N GLU B 369 16.18 -25.07 0.92
CA GLU B 369 17.42 -24.40 0.52
C GLU B 369 17.23 -23.50 -0.71
N THR B 370 16.46 -23.98 -1.68
CA THR B 370 16.19 -23.17 -2.86
C THR B 370 15.29 -21.97 -2.53
N GLY B 371 14.25 -22.19 -1.72
CA GLY B 371 13.37 -21.12 -1.26
C GLY B 371 14.16 -20.06 -0.52
N THR B 372 15.07 -20.49 0.35
CA THR B 372 15.99 -19.60 1.10
C THR B 372 16.84 -18.73 0.17
N ALA B 373 17.44 -19.37 -0.85
CA ALA B 373 18.27 -18.67 -1.82
C ALA B 373 17.43 -17.65 -2.59
N PHE B 374 16.23 -18.06 -3.01
CA PHE B 374 15.29 -17.17 -3.73
C PHE B 374 14.99 -15.91 -2.92
N ILE B 375 14.74 -16.07 -1.62
CA ILE B 375 14.44 -14.93 -0.77
C ILE B 375 15.67 -13.99 -0.66
N GLU B 376 16.82 -14.55 -0.29
CA GLU B 376 18.02 -13.77 -0.10
C GLU B 376 18.64 -13.18 -1.37
N LYS B 377 18.51 -13.87 -2.50
CA LYS B 377 19.16 -13.41 -3.72
C LYS B 377 18.21 -12.72 -4.69
N ARG B 378 16.95 -12.50 -4.27
CA ARG B 378 15.90 -12.02 -5.22
C ARG B 378 16.27 -10.76 -6.02
N SER B 379 17.05 -9.87 -5.42
CA SER B 379 17.44 -8.63 -6.14
C SER B 379 18.68 -8.80 -7.01
N GLU B 380 19.32 -9.97 -6.96
CA GLU B 380 20.53 -10.21 -7.75
C GLU B 380 20.21 -10.73 -9.14
N PHE B 381 19.09 -11.45 -9.28
CA PHE B 381 18.72 -12.08 -10.54
C PHE B 381 18.40 -11.02 -11.58
N LYS B 382 18.90 -11.20 -12.80
CA LYS B 382 18.70 -10.24 -13.90
C LYS B 382 17.57 -10.68 -14.83
N THR B 383 17.42 -12.00 -15.02
CA THR B 383 16.42 -12.60 -15.90
C THR B 383 15.83 -13.86 -15.24
N ILE B 384 14.72 -14.36 -15.79
CA ILE B 384 14.12 -15.63 -15.32
C ILE B 384 15.09 -16.82 -15.48
N THR B 385 15.87 -16.81 -16.57
CA THR B 385 16.92 -17.83 -16.82
C THR B 385 17.90 -17.97 -15.66
N ASP B 386 18.29 -16.83 -15.08
CA ASP B 386 19.20 -16.80 -13.91
C ASP B 386 18.58 -17.56 -12.74
N VAL B 387 17.26 -17.37 -12.56
CA VAL B 387 16.51 -18.03 -11.48
C VAL B 387 16.48 -19.55 -11.72
N ILE B 388 16.06 -19.93 -12.92
CA ILE B 388 16.03 -21.33 -13.34
C ILE B 388 17.41 -21.99 -13.16
N GLU B 389 18.46 -21.33 -13.63
CA GLU B 389 19.81 -21.91 -13.63
C GLU B 389 20.34 -22.07 -12.23
N LEU B 390 20.05 -21.09 -11.38
CA LEU B 390 20.40 -21.24 -9.96
C LEU B 390 19.67 -22.43 -9.32
N PHE B 391 18.39 -22.59 -9.61
CA PHE B 391 17.60 -23.71 -9.06
C PHE B 391 18.20 -25.07 -9.50
N LYS B 392 18.41 -25.22 -10.80
CA LYS B 392 19.03 -26.42 -11.40
C LYS B 392 20.36 -26.79 -10.76
N LEU B 393 21.20 -25.79 -10.49
CA LEU B 393 22.50 -25.98 -9.84
C LEU B 393 22.32 -26.53 -8.44
N LEU B 394 21.43 -25.91 -7.68
CA LEU B 394 21.19 -26.32 -6.30
C LEU B 394 20.65 -27.75 -6.19
N VAL B 395 19.82 -28.14 -7.16
CA VAL B 395 19.05 -29.39 -7.06
C VAL B 395 19.69 -30.57 -7.79
N LYS B 396 20.89 -30.35 -8.33
CA LYS B 396 21.65 -31.40 -9.01
C LYS B 396 21.87 -32.62 -8.10
#